data_9KKV
#
_entry.id   9KKV
#
_cell.length_a   101.808
_cell.length_b   101.808
_cell.length_c   211.239
_cell.angle_alpha   90.00
_cell.angle_beta   90.00
_cell.angle_gamma   90.00
#
_symmetry.space_group_name_H-M   'P 41 21 2'
#
loop_
_entity.id
_entity.type
_entity.pdbx_description
1 polymer 'Fumarylacetoacetate hydrolase family protein'
2 non-polymer 'DIHYDROGENPHOSPHATE ION'
3 non-polymer 'AMMONIUM ION'
4 water water
#
_entity_poly.entity_id   1
_entity_poly.type   'polypeptide(L)'
_entity_poly.pdbx_seq_one_letter_code
;GVSEFLPEDWKAATLLGRIDFGEGPTPVLVRGGRVEDVSKIAPTVADLMNAFQPGAVIPRGEDKGPLEALDIRPVWEDPD
GAAPVKLLAPVDLQCLKAAGVTFAVSTLERVIEERARGDAGEALKIRTLLAERMGGDLKSVEPGSQGAQRLKDALIADGL
WSQYLEVAIGPDAEIFTKGPTLSSMGWGDQVGVRYDSHWNNPEPEVVLLCDGSGLIRGAALGNDVNLRDFEGRSALLLSK
AKDNNASCAIGPFFRLFDETFGLDDVRSAEVELKITGRDNFVLDGKSNMSLISRDPAVLAGQAYGKQHQYPDGFALFLGT
MFAPIQDRDTPGQGFTHKVGDRVRVSTPKLGVLENEVTTCDKAKPWTFGISALIRNLAGRGLL
;
_entity_poly.pdbx_strand_id   B,A
#
loop_
_chem_comp.id
_chem_comp.type
_chem_comp.name
_chem_comp.formula
2HP non-polymer 'DIHYDROGENPHOSPHATE ION' 'H2 O4 P -1'
NH4 non-polymer 'AMMONIUM ION' 'H4 N 1'
#
# COMPACT_ATOMS: atom_id res chain seq x y z
N GLY A 1 27.32 -23.15 -0.11
CA GLY A 1 26.69 -23.70 -1.29
C GLY A 1 25.69 -22.75 -1.93
N VAL A 2 26.13 -22.07 -2.99
CA VAL A 2 25.26 -21.14 -3.71
C VAL A 2 24.35 -21.87 -4.68
N SER A 3 24.88 -22.92 -5.32
CA SER A 3 24.15 -23.67 -6.34
C SER A 3 22.89 -24.32 -5.80
N GLU A 4 22.80 -24.53 -4.48
CA GLU A 4 21.69 -25.29 -3.90
C GLU A 4 20.37 -24.50 -3.84
N PHE A 5 20.41 -23.18 -3.99
CA PHE A 5 19.16 -22.42 -4.03
C PHE A 5 18.82 -21.92 -5.43
N LEU A 6 19.51 -22.41 -6.44
CA LEU A 6 19.23 -21.97 -7.79
C LEU A 6 18.38 -23.01 -8.51
N PRO A 7 17.68 -22.61 -9.58
CA PRO A 7 16.96 -23.60 -10.39
C PRO A 7 17.88 -24.71 -10.86
N GLU A 8 17.30 -25.89 -11.10
CA GLU A 8 18.11 -27.04 -11.52
C GLU A 8 18.86 -26.77 -12.82
N ASP A 9 18.25 -26.02 -13.72
CA ASP A 9 18.84 -25.72 -15.04
C ASP A 9 19.34 -24.28 -15.09
N TRP A 10 19.85 -23.76 -13.97
CA TRP A 10 20.05 -22.32 -13.86
C TRP A 10 21.09 -21.81 -14.84
N LYS A 11 22.04 -22.65 -15.25
CA LYS A 11 23.03 -22.17 -16.21
C LYS A 11 22.45 -21.98 -17.60
N ALA A 12 21.29 -22.57 -17.88
CA ALA A 12 20.54 -22.29 -19.09
C ALA A 12 19.48 -21.22 -18.91
N ALA A 13 19.36 -20.66 -17.72
CA ALA A 13 18.31 -19.69 -17.42
C ALA A 13 18.83 -18.28 -17.57
N THR A 14 17.89 -17.33 -17.57
CA THR A 14 18.19 -15.91 -17.49
C THR A 14 17.71 -15.43 -16.13
N LEU A 15 18.63 -15.07 -15.24
CA LEU A 15 18.26 -14.63 -13.91
C LEU A 15 18.50 -13.13 -13.80
N LEU A 16 17.63 -12.45 -13.07
CA LEU A 16 17.76 -11.02 -12.85
C LEU A 16 17.65 -10.75 -11.36
N GLY A 17 18.65 -10.07 -10.82
CA GLY A 17 18.61 -9.79 -9.40
C GLY A 17 19.45 -8.61 -9.02
N ARG A 18 19.80 -8.57 -7.73
CA ARG A 18 20.58 -7.49 -7.18
C ARG A 18 21.61 -8.04 -6.22
N ILE A 19 22.85 -7.57 -6.36
CA ILE A 19 23.95 -8.00 -5.52
C ILE A 19 24.71 -6.77 -5.08
N ASP A 20 25.15 -6.78 -3.83
CA ASP A 20 26.07 -5.78 -3.32
C ASP A 20 27.47 -6.40 -3.34
N PHE A 21 28.31 -5.94 -4.26
CA PHE A 21 29.69 -6.41 -4.37
C PHE A 21 30.64 -5.68 -3.44
N GLY A 22 30.17 -4.68 -2.69
CA GLY A 22 31.02 -3.92 -1.80
C GLY A 22 30.81 -2.42 -1.91
N GLU A 23 30.13 -1.98 -2.97
CA GLU A 23 29.92 -0.55 -3.21
C GLU A 23 28.45 -0.15 -3.19
N GLY A 24 27.54 -1.09 -2.97
CA GLY A 24 26.12 -0.81 -2.98
C GLY A 24 25.36 -1.72 -3.92
N PRO A 25 24.05 -1.63 -3.87
CA PRO A 25 23.20 -2.53 -4.67
C PRO A 25 23.45 -2.37 -6.16
N THR A 26 23.53 -3.50 -6.86
CA THR A 26 23.91 -3.54 -8.26
C THR A 26 22.95 -4.47 -8.98
N PRO A 27 22.24 -4.01 -10.00
CA PRO A 27 21.46 -4.95 -10.82
C PRO A 27 22.39 -5.89 -11.56
N VAL A 28 22.01 -7.17 -11.58
CA VAL A 28 22.81 -8.21 -12.23
C VAL A 28 21.91 -9.07 -13.09
N LEU A 29 22.44 -9.50 -14.24
CA LEU A 29 21.86 -10.56 -15.04
C LEU A 29 22.77 -11.78 -14.96
N VAL A 30 22.19 -12.95 -14.77
CA VAL A 30 22.95 -14.20 -14.81
C VAL A 30 22.55 -14.90 -16.10
N ARG A 31 23.52 -15.01 -17.02
CA ARG A 31 23.29 -15.66 -18.31
C ARG A 31 24.48 -16.58 -18.59
N GLY A 32 24.20 -17.77 -19.10
CA GLY A 32 25.25 -18.75 -19.31
C GLY A 32 25.97 -19.15 -18.05
N GLY A 33 25.31 -19.03 -16.90
CA GLY A 33 25.94 -19.29 -15.62
C GLY A 33 26.80 -18.16 -15.09
N ARG A 34 26.93 -17.05 -15.82
CA ARG A 34 27.86 -16.00 -15.46
C ARG A 34 27.12 -14.72 -15.10
N VAL A 35 27.62 -14.05 -14.07
CA VAL A 35 27.00 -12.84 -13.52
C VAL A 35 27.52 -11.64 -14.29
N GLU A 36 26.60 -10.77 -14.69
CA GLU A 36 26.88 -9.52 -15.37
C GLU A 36 26.38 -8.39 -14.50
N ASP A 37 27.27 -7.48 -14.15
CA ASP A 37 26.92 -6.19 -13.55
C ASP A 37 26.39 -5.29 -14.68
N VAL A 38 25.08 -5.06 -14.69
CA VAL A 38 24.47 -4.28 -15.76
C VAL A 38 24.19 -2.83 -15.33
N SER A 39 24.86 -2.37 -14.27
CA SER A 39 24.56 -1.05 -13.70
C SER A 39 24.89 0.09 -14.66
N LYS A 40 25.87 -0.09 -15.55
CA LYS A 40 26.14 0.93 -16.55
C LYS A 40 25.10 0.92 -17.67
N ILE A 41 24.41 -0.20 -17.86
CA ILE A 41 23.31 -0.24 -18.84
C ILE A 41 22.05 0.39 -18.27
N ALA A 42 21.74 0.09 -17.00
CA ALA A 42 20.63 0.69 -16.28
C ALA A 42 20.96 0.62 -14.80
N PRO A 43 20.79 1.70 -14.03
CA PRO A 43 21.26 1.70 -12.64
C PRO A 43 20.41 0.87 -11.68
N THR A 44 19.19 0.47 -12.06
CA THR A 44 18.31 -0.32 -11.21
C THR A 44 17.64 -1.38 -12.04
N VAL A 45 17.07 -2.37 -11.34
CA VAL A 45 16.28 -3.40 -12.01
C VAL A 45 15.06 -2.78 -12.67
N ALA A 46 14.36 -1.90 -11.96
CA ALA A 46 13.18 -1.26 -12.52
C ALA A 46 13.52 -0.52 -13.81
N ASP A 47 14.65 0.21 -13.79
CA ASP A 47 15.10 0.93 -14.97
C ASP A 47 15.45 -0.02 -16.10
N LEU A 48 16.07 -1.16 -15.78
CA LEU A 48 16.43 -2.12 -16.82
C LEU A 48 15.19 -2.65 -17.51
N MET A 49 14.16 -2.99 -16.74
CA MET A 49 12.95 -3.53 -17.35
C MET A 49 12.20 -2.48 -18.14
N ASN A 50 12.32 -1.21 -17.76
CA ASN A 50 11.71 -0.15 -18.56
C ASN A 50 12.52 0.19 -19.80
N ALA A 51 13.83 0.00 -19.78
CA ALA A 51 14.65 0.35 -20.93
C ALA A 51 14.63 -0.73 -22.00
N PHE A 52 14.30 -1.96 -21.64
CA PHE A 52 14.30 -3.08 -22.57
C PHE A 52 12.97 -3.81 -22.44
N GLN A 53 12.08 -3.54 -23.41
CA GLN A 53 10.77 -4.17 -23.44
CA GLN A 53 10.77 -4.17 -23.47
C GLN A 53 10.90 -5.66 -23.77
N PRO A 54 9.84 -6.44 -23.54
CA PRO A 54 9.87 -7.84 -24.00
C PRO A 54 10.22 -7.90 -25.47
N GLY A 55 11.06 -8.87 -25.84
CA GLY A 55 11.51 -9.02 -27.21
C GLY A 55 12.75 -8.21 -27.57
N ALA A 56 13.18 -7.29 -26.72
CA ALA A 56 14.38 -6.52 -26.97
C ALA A 56 15.60 -7.23 -26.42
N VAL A 57 16.72 -7.12 -27.12
CA VAL A 57 17.98 -7.70 -26.67
C VAL A 57 18.58 -6.82 -25.57
N ILE A 58 18.87 -7.40 -24.42
CA ILE A 58 19.55 -6.70 -23.34
C ILE A 58 21.06 -6.88 -23.53
N PRO A 59 21.83 -5.80 -23.72
CA PRO A 59 23.27 -5.97 -23.94
C PRO A 59 23.95 -6.59 -22.73
N ARG A 60 25.22 -6.97 -22.92
CA ARG A 60 25.97 -7.63 -21.87
C ARG A 60 26.57 -6.61 -20.90
N GLY A 61 26.43 -6.90 -19.60
CA GLY A 61 27.09 -6.11 -18.59
C GLY A 61 28.49 -6.63 -18.27
N GLU A 62 29.11 -5.99 -17.30
CA GLU A 62 30.48 -6.34 -16.93
C GLU A 62 30.53 -7.73 -16.33
N ASP A 63 31.49 -8.54 -16.79
CA ASP A 63 31.61 -9.92 -16.35
C ASP A 63 32.07 -9.95 -14.90
N LYS A 64 31.27 -10.57 -14.03
CA LYS A 64 31.66 -10.81 -12.64
C LYS A 64 31.99 -12.28 -12.38
N GLY A 65 32.08 -13.09 -13.43
CA GLY A 65 32.47 -14.48 -13.27
C GLY A 65 31.31 -15.40 -12.94
N PRO A 66 31.62 -16.69 -12.73
CA PRO A 66 30.57 -17.67 -12.44
C PRO A 66 29.86 -17.37 -11.13
N LEU A 67 28.53 -17.57 -11.13
CA LEU A 67 27.73 -17.25 -9.96
C LEU A 67 28.09 -18.12 -8.76
N GLU A 68 28.36 -19.40 -8.99
CA GLU A 68 28.65 -20.31 -7.87
C GLU A 68 30.00 -20.03 -7.22
N ALA A 69 30.84 -19.18 -7.81
CA ALA A 69 32.12 -18.81 -7.22
C ALA A 69 32.03 -17.57 -6.33
N LEU A 70 30.92 -16.85 -6.35
CA LEU A 70 30.78 -15.70 -5.47
C LEU A 70 30.58 -16.17 -4.02
N ASP A 71 31.28 -15.52 -3.10
CA ASP A 71 31.20 -15.86 -1.68
C ASP A 71 29.95 -15.23 -1.08
N ILE A 72 28.81 -15.84 -1.38
CA ILE A 72 27.49 -15.41 -0.89
C ILE A 72 27.13 -16.31 0.29
N ARG A 73 26.74 -15.71 1.42
CA ARG A 73 26.43 -16.49 2.61
C ARG A 73 25.12 -16.02 3.23
N PRO A 74 24.32 -16.92 3.78
CA PRO A 74 23.08 -16.51 4.45
C PRO A 74 23.35 -16.04 5.87
N VAL A 75 22.33 -15.37 6.43
CA VAL A 75 22.51 -14.69 7.71
C VAL A 75 22.73 -15.68 8.84
N TRP A 76 22.19 -16.89 8.72
CA TRP A 76 22.37 -17.89 9.78
C TRP A 76 23.76 -18.51 9.77
N GLU A 77 24.54 -18.29 8.71
CA GLU A 77 25.95 -18.68 8.72
C GLU A 77 26.87 -17.49 8.82
N ASP A 78 26.40 -16.29 8.49
CA ASP A 78 27.21 -15.08 8.45
C ASP A 78 26.46 -13.96 9.15
N PRO A 79 26.34 -14.02 10.47
CA PRO A 79 25.51 -13.02 11.18
C PRO A 79 26.02 -11.60 11.02
N ASP A 80 27.34 -11.41 11.01
CA ASP A 80 27.95 -10.08 10.95
C ASP A 80 28.22 -9.59 9.53
N GLY A 81 27.88 -10.38 8.51
CA GLY A 81 28.16 -9.97 7.15
C GLY A 81 29.63 -9.93 6.79
N ALA A 82 30.38 -10.97 7.18
CA ALA A 82 31.79 -11.04 6.80
C ALA A 82 31.98 -11.31 5.31
N ALA A 83 30.96 -11.81 4.63
CA ALA A 83 31.10 -12.17 3.22
C ALA A 83 31.39 -10.91 2.39
N PRO A 84 32.26 -11.01 1.38
CA PRO A 84 32.56 -9.84 0.55
C PRO A 84 31.45 -9.50 -0.43
N VAL A 85 30.43 -10.34 -0.55
CA VAL A 85 29.34 -10.16 -1.51
C VAL A 85 28.04 -10.49 -0.79
N LYS A 86 26.99 -9.72 -1.06
CA LYS A 86 25.69 -9.94 -0.44
C LYS A 86 24.62 -10.02 -1.52
N LEU A 87 23.84 -11.08 -1.52
CA LEU A 87 22.68 -11.15 -2.39
C LEU A 87 21.51 -10.39 -1.75
N LEU A 88 20.82 -9.58 -2.55
CA LEU A 88 19.71 -8.76 -2.07
C LEU A 88 18.40 -9.24 -2.70
N ALA A 89 17.28 -8.69 -2.23
CA ALA A 89 16.02 -8.91 -2.92
C ALA A 89 16.15 -8.43 -4.37
N PRO A 90 15.56 -9.12 -5.34
CA PRO A 90 15.74 -8.74 -6.75
C PRO A 90 14.85 -7.58 -7.21
N VAL A 91 14.12 -6.94 -6.28
CA VAL A 91 13.32 -5.75 -6.57
C VAL A 91 14.07 -4.53 -6.05
N ASP A 92 13.87 -3.39 -6.70
CA ASP A 92 14.29 -2.15 -6.07
C ASP A 92 13.16 -1.11 -6.10
N LEU A 93 12.91 -0.47 -7.25
CA LEU A 93 11.94 0.61 -7.29
C LEU A 93 10.50 0.15 -7.53
N GLN A 94 10.27 -1.14 -7.72
CA GLN A 94 8.94 -1.67 -7.97
C GLN A 94 8.04 -1.54 -6.73
N CYS A 95 6.77 -1.24 -6.96
CA CYS A 95 5.79 -1.36 -5.90
C CYS A 95 5.60 -2.83 -5.54
N LEU A 96 5.37 -3.09 -4.26
CA LEU A 96 5.22 -4.46 -3.75
C LEU A 96 3.75 -4.75 -3.54
N LYS A 97 3.14 -5.49 -4.48
CA LYS A 97 1.72 -5.79 -4.43
C LYS A 97 1.52 -7.27 -4.16
N ALA A 98 0.38 -7.61 -3.57
CA ALA A 98 0.11 -9.00 -3.27
C ALA A 98 -1.37 -9.27 -3.50
N ALA A 99 -1.63 -10.43 -4.09
CA ALA A 99 -3.01 -10.90 -4.22
C ALA A 99 -3.26 -11.90 -3.10
N GLY A 100 -4.51 -12.00 -2.67
CA GLY A 100 -4.88 -13.00 -1.66
C GLY A 100 -6.22 -13.66 -2.01
N VAL A 101 -6.51 -14.81 -1.41
CA VAL A 101 -7.81 -15.54 -1.64
C VAL A 101 -7.93 -15.82 -3.15
N THR A 102 -6.83 -16.28 -3.74
CA THR A 102 -6.78 -16.58 -5.18
C THR A 102 -7.11 -18.04 -5.46
N PHE A 103 -7.17 -18.85 -4.41
CA PHE A 103 -7.49 -20.27 -4.53
C PHE A 103 -8.90 -20.43 -3.94
N ALA A 104 -9.92 -20.19 -4.77
CA ALA A 104 -11.29 -20.05 -4.29
C ALA A 104 -11.91 -21.38 -3.90
N VAL A 105 -11.51 -22.48 -4.56
CA VAL A 105 -12.13 -23.78 -4.27
C VAL A 105 -11.88 -24.18 -2.82
N SER A 106 -10.63 -24.08 -2.37
CA SER A 106 -10.31 -24.42 -1.00
C SER A 106 -10.97 -23.47 0.00
N THR A 107 -11.10 -22.19 -0.34
CA THR A 107 -11.85 -21.27 0.51
C THR A 107 -13.29 -21.74 0.71
N LEU A 108 -13.98 -22.00 -0.41
CA LEU A 108 -15.37 -22.49 -0.35
C LEU A 108 -15.48 -23.77 0.46
N GLU A 109 -14.61 -24.75 0.17
CA GLU A 109 -14.72 -26.04 0.83
C GLU A 109 -14.41 -25.95 2.31
N ARG A 110 -13.49 -25.05 2.70
CA ARG A 110 -13.23 -24.87 4.12
C ARG A 110 -14.44 -24.26 4.83
N VAL A 111 -15.12 -23.31 4.18
CA VAL A 111 -16.35 -22.78 4.76
C VAL A 111 -17.39 -23.89 4.93
N ILE A 112 -17.59 -24.70 3.89
CA ILE A 112 -18.58 -25.78 3.94
C ILE A 112 -18.24 -26.76 5.06
N GLU A 113 -16.97 -27.17 5.14
CA GLU A 113 -16.57 -28.15 6.13
C GLU A 113 -16.62 -27.59 7.55
N GLU A 114 -16.46 -26.27 7.70
CA GLU A 114 -16.70 -25.65 8.99
C GLU A 114 -18.18 -25.73 9.36
N ARG A 115 -19.07 -25.49 8.39
CA ARG A 115 -20.50 -25.62 8.66
C ARG A 115 -20.88 -27.06 8.99
N ALA A 116 -20.26 -28.04 8.34
CA ALA A 116 -20.68 -29.46 8.52
C ALA A 116 -20.17 -30.03 9.85
N ARG A 117 -19.05 -29.51 10.35
CA ARG A 117 -18.48 -29.93 11.64
C ARG A 117 -18.36 -31.47 11.66
N ALA A 123 -22.76 -31.90 4.82
CA ALA A 123 -21.81 -31.33 3.85
C ALA A 123 -22.31 -31.70 2.47
N LEU A 124 -22.70 -32.97 2.35
CA LEU A 124 -23.24 -33.43 1.08
C LEU A 124 -24.44 -32.61 0.65
N LYS A 125 -25.37 -32.37 1.58
CA LYS A 125 -26.55 -31.56 1.27
C LYS A 125 -26.18 -30.11 0.98
N ILE A 126 -25.13 -29.60 1.63
CA ILE A 126 -24.69 -28.24 1.36
C ILE A 126 -24.15 -28.12 -0.06
N ARG A 127 -23.19 -28.99 -0.41
CA ARG A 127 -22.58 -28.93 -1.73
C ARG A 127 -23.59 -29.17 -2.84
N THR A 128 -24.60 -30.01 -2.59
CA THR A 128 -25.60 -30.31 -3.60
C THR A 128 -26.38 -29.06 -3.99
N LEU A 129 -27.01 -28.41 -3.01
CA LEU A 129 -27.84 -27.26 -3.30
C LEU A 129 -27.00 -26.10 -3.85
N LEU A 130 -25.78 -25.92 -3.36
CA LEU A 130 -24.92 -24.85 -3.85
C LEU A 130 -24.55 -25.08 -5.31
N ALA A 131 -24.16 -26.31 -5.66
CA ALA A 131 -23.76 -26.61 -7.03
C ALA A 131 -24.92 -26.48 -8.00
N GLU A 132 -26.15 -26.75 -7.55
CA GLU A 132 -27.30 -26.65 -8.46
C GLU A 132 -27.69 -25.20 -8.70
N ARG A 133 -27.55 -24.33 -7.71
CA ARG A 133 -27.83 -22.92 -7.92
C ARG A 133 -26.80 -22.30 -8.86
N MET A 134 -25.52 -22.63 -8.67
CA MET A 134 -24.49 -22.14 -9.57
C MET A 134 -24.63 -22.77 -10.95
N GLY A 135 -25.05 -24.03 -11.02
CA GLY A 135 -25.18 -24.72 -12.28
C GLY A 135 -24.01 -25.57 -12.68
N GLY A 136 -23.18 -25.99 -11.72
CA GLY A 136 -22.03 -26.82 -12.04
C GLY A 136 -21.26 -27.13 -10.78
N ASP A 137 -20.22 -27.96 -10.95
CA ASP A 137 -19.40 -28.35 -9.82
C ASP A 137 -18.72 -27.14 -9.19
N LEU A 138 -18.60 -27.16 -7.87
CA LEU A 138 -17.92 -26.08 -7.16
C LEU A 138 -16.44 -25.99 -7.55
N LYS A 139 -15.84 -27.13 -7.93
CA LYS A 139 -14.46 -27.12 -8.39
C LYS A 139 -14.28 -26.29 -9.66
N SER A 140 -15.36 -25.99 -10.36
CA SER A 140 -15.30 -25.27 -11.62
C SER A 140 -15.70 -23.81 -11.49
N VAL A 141 -15.85 -23.31 -10.26
CA VAL A 141 -16.30 -21.93 -10.04
C VAL A 141 -15.39 -20.98 -10.81
N GLU A 142 -16.01 -20.03 -11.51
CA GLU A 142 -15.25 -19.01 -12.23
C GLU A 142 -15.50 -17.66 -11.58
N PRO A 143 -14.53 -17.10 -10.86
CA PRO A 143 -14.76 -15.82 -10.19
C PRO A 143 -15.21 -14.75 -11.17
N GLY A 144 -16.18 -13.94 -10.74
CA GLY A 144 -16.69 -12.85 -11.54
C GLY A 144 -17.67 -13.25 -12.64
N SER A 145 -18.06 -14.52 -12.71
CA SER A 145 -19.00 -14.99 -13.72
C SER A 145 -20.43 -14.88 -13.19
N GLN A 146 -21.40 -15.15 -14.06
CA GLN A 146 -22.79 -15.17 -13.61
C GLN A 146 -23.05 -16.35 -12.68
N GLY A 147 -22.40 -17.49 -12.96
CA GLY A 147 -22.49 -18.61 -12.04
C GLY A 147 -22.02 -18.24 -10.64
N ALA A 148 -20.97 -17.43 -10.58
CA ALA A 148 -20.46 -16.96 -9.28
C ALA A 148 -21.46 -16.04 -8.59
N GLN A 149 -22.17 -15.21 -9.36
CA GLN A 149 -23.21 -14.39 -8.74
C GLN A 149 -24.33 -15.26 -8.15
N ARG A 150 -24.74 -16.30 -8.89
CA ARG A 150 -25.76 -17.21 -8.35
C ARG A 150 -25.27 -17.93 -7.11
N LEU A 151 -23.98 -18.33 -7.11
CA LEU A 151 -23.40 -18.97 -5.93
C LEU A 151 -23.39 -18.00 -4.75
N LYS A 152 -22.97 -16.75 -4.99
CA LYS A 152 -23.02 -15.73 -3.96
C LYS A 152 -24.40 -15.62 -3.34
N ASP A 153 -25.43 -15.56 -4.17
CA ASP A 153 -26.79 -15.41 -3.64
C ASP A 153 -27.23 -16.65 -2.86
N ALA A 154 -26.88 -17.84 -3.37
CA ALA A 154 -27.21 -19.06 -2.63
C ALA A 154 -26.49 -19.10 -1.29
N LEU A 155 -25.25 -18.58 -1.23
CA LEU A 155 -24.51 -18.59 0.01
C LEU A 155 -25.05 -17.56 1.00
N ILE A 156 -25.48 -16.40 0.50
CA ILE A 156 -26.16 -15.42 1.35
C ILE A 156 -27.42 -16.03 1.91
N ALA A 157 -28.13 -16.83 1.11
CA ALA A 157 -29.36 -17.46 1.57
C ALA A 157 -29.09 -18.51 2.64
N ASP A 158 -27.94 -19.19 2.60
CA ASP A 158 -27.61 -20.19 3.61
C ASP A 158 -26.98 -19.61 4.87
N GLY A 159 -26.65 -18.32 4.88
CA GLY A 159 -25.89 -17.77 5.98
C GLY A 159 -24.42 -18.12 5.95
N LEU A 160 -23.90 -18.55 4.80
CA LEU A 160 -22.51 -18.93 4.65
C LEU A 160 -21.66 -17.82 4.03
N TRP A 161 -22.26 -16.76 3.51
CA TRP A 161 -21.50 -15.72 2.83
C TRP A 161 -20.55 -15.01 3.79
N SER A 162 -19.45 -14.50 3.25
CA SER A 162 -18.50 -13.74 4.04
C SER A 162 -17.72 -12.82 3.12
N GLN A 163 -17.04 -11.85 3.72
CA GLN A 163 -16.21 -10.95 2.96
C GLN A 163 -15.04 -11.66 2.30
N TYR A 164 -14.63 -12.83 2.80
CA TYR A 164 -13.58 -13.61 2.15
C TYR A 164 -14.11 -14.28 0.88
N LEU A 165 -15.34 -14.79 0.93
CA LEU A 165 -15.91 -15.37 -0.27
C LEU A 165 -16.14 -14.32 -1.36
N GLU A 166 -16.41 -13.07 -0.96
CA GLU A 166 -16.54 -12.00 -1.94
C GLU A 166 -15.28 -11.86 -2.79
N VAL A 167 -14.10 -11.87 -2.16
CA VAL A 167 -12.89 -11.76 -2.97
C VAL A 167 -12.48 -13.11 -3.55
N ALA A 168 -13.04 -14.21 -3.04
CA ALA A 168 -12.76 -15.50 -3.65
C ALA A 168 -13.49 -15.66 -4.99
N ILE A 169 -14.76 -15.28 -5.08
CA ILE A 169 -15.55 -15.59 -6.28
C ILE A 169 -16.15 -14.36 -6.94
N GLY A 170 -16.00 -13.17 -6.37
CA GLY A 170 -16.53 -11.98 -6.98
C GLY A 170 -15.64 -11.45 -8.08
N PRO A 171 -16.08 -10.36 -8.71
CA PRO A 171 -15.32 -9.83 -9.86
C PRO A 171 -13.98 -9.24 -9.47
N ASP A 172 -13.81 -8.76 -8.24
CA ASP A 172 -12.60 -8.08 -7.82
C ASP A 172 -11.78 -8.98 -6.91
N ALA A 173 -10.56 -9.28 -7.32
CA ALA A 173 -9.65 -9.99 -6.44
C ALA A 173 -9.14 -9.09 -5.32
N GLU A 174 -8.77 -9.71 -4.20
CA GLU A 174 -8.08 -8.99 -3.14
C GLU A 174 -6.65 -8.70 -3.58
N ILE A 175 -6.31 -7.42 -3.74
CA ILE A 175 -4.94 -7.01 -4.05
C ILE A 175 -4.61 -5.85 -3.13
N PHE A 176 -3.47 -5.93 -2.45
CA PHE A 176 -3.08 -4.95 -1.45
C PHE A 176 -1.60 -4.66 -1.59
N THR A 177 -1.16 -3.63 -0.88
CA THR A 177 0.26 -3.28 -0.82
C THR A 177 0.93 -4.11 0.26
N LYS A 178 1.92 -4.92 -0.13
CA LYS A 178 2.56 -5.80 0.83
C LYS A 178 3.53 -5.04 1.73
N GLY A 179 4.26 -4.08 1.17
CA GLY A 179 5.18 -3.27 1.93
C GLY A 179 5.71 -2.13 1.09
N PRO A 180 6.44 -1.22 1.72
CA PRO A 180 6.96 -0.06 0.99
C PRO A 180 8.04 -0.45 0.00
N THR A 181 8.17 0.37 -1.04
CA THR A 181 9.23 0.20 -2.02
C THR A 181 10.60 0.22 -1.33
N LEU A 182 11.47 -0.72 -1.73
CA LEU A 182 12.84 -0.98 -1.22
C LEU A 182 12.88 -1.66 0.15
N SER A 183 11.74 -2.07 0.71
CA SER A 183 11.73 -2.70 2.04
C SER A 183 11.82 -4.23 2.02
N SER A 184 11.80 -4.87 0.87
CA SER A 184 11.76 -6.33 0.84
C SER A 184 13.06 -6.97 1.31
N MET A 185 12.93 -8.12 1.96
CA MET A 185 14.06 -9.01 2.18
C MET A 185 14.25 -9.92 0.96
N GLY A 186 15.46 -10.50 0.87
CA GLY A 186 15.75 -11.48 -0.17
C GLY A 186 16.17 -12.80 0.42
N TRP A 187 16.68 -13.70 -0.43
CA TRP A 187 17.25 -14.97 0.04
C TRP A 187 18.29 -14.74 1.13
N GLY A 188 18.30 -15.63 2.12
CA GLY A 188 19.32 -15.62 3.16
C GLY A 188 19.17 -14.55 4.23
N ASP A 189 18.09 -13.76 4.20
CA ASP A 189 17.84 -12.71 5.17
C ASP A 189 17.00 -13.21 6.35
N GLN A 190 16.98 -12.43 7.43
CA GLN A 190 15.97 -12.61 8.46
C GLN A 190 14.65 -12.00 8.02
N VAL A 191 13.54 -12.67 8.36
CA VAL A 191 12.22 -12.09 8.22
C VAL A 191 11.61 -11.90 9.60
N GLY A 192 10.68 -10.97 9.69
CA GLY A 192 10.16 -10.56 10.98
C GLY A 192 8.68 -10.83 11.14
N VAL A 193 8.30 -11.43 12.26
CA VAL A 193 6.93 -11.47 12.73
C VAL A 193 6.83 -10.50 13.91
N ARG A 194 5.71 -9.79 14.01
CA ARG A 194 5.56 -8.86 15.13
C ARG A 194 5.69 -9.62 16.44
N TYR A 195 6.34 -8.98 17.42
CA TYR A 195 6.50 -9.63 18.72
C TYR A 195 5.17 -9.79 19.44
N ASP A 196 4.15 -9.00 19.10
CA ASP A 196 2.85 -9.11 19.73
C ASP A 196 1.86 -9.94 18.92
N SER A 197 2.35 -10.69 17.94
CA SER A 197 1.52 -11.66 17.21
C SER A 197 1.75 -13.05 17.83
N HIS A 198 0.67 -13.71 18.19
CA HIS A 198 0.74 -15.04 18.77
C HIS A 198 0.44 -16.16 17.77
N TRP A 199 -0.11 -15.84 16.60
CA TRP A 199 -0.48 -16.85 15.61
C TRP A 199 -0.12 -16.33 14.23
N ASN A 200 0.95 -16.89 13.64
CA ASN A 200 1.51 -16.35 12.41
C ASN A 200 2.12 -17.50 11.62
N ASN A 201 2.44 -17.25 10.35
CA ASN A 201 2.84 -18.34 9.47
C ASN A 201 3.45 -17.76 8.21
N PRO A 202 4.25 -18.56 7.50
CA PRO A 202 4.66 -18.18 6.15
C PRO A 202 3.53 -18.40 5.15
N GLU A 203 3.63 -17.73 4.01
CA GLU A 203 2.74 -17.97 2.89
C GLU A 203 3.60 -18.19 1.65
N PRO A 204 3.76 -19.43 1.21
CA PRO A 204 4.67 -19.74 0.09
C PRO A 204 4.00 -19.37 -1.22
N GLU A 205 4.67 -18.53 -2.02
CA GLU A 205 4.02 -17.97 -3.19
C GLU A 205 5.00 -17.82 -4.34
N VAL A 206 4.43 -17.66 -5.52
CA VAL A 206 5.15 -17.16 -6.68
C VAL A 206 4.92 -15.66 -6.78
N VAL A 207 5.95 -14.94 -7.16
CA VAL A 207 5.92 -13.49 -7.28
C VAL A 207 6.24 -13.13 -8.73
N LEU A 208 5.33 -12.42 -9.38
CA LEU A 208 5.60 -11.96 -10.74
C LEU A 208 6.39 -10.65 -10.71
N LEU A 209 7.27 -10.48 -11.69
CA LEU A 209 7.91 -9.21 -11.96
C LEU A 209 7.19 -8.55 -13.13
N CYS A 210 6.71 -7.32 -12.93
CA CYS A 210 6.04 -6.58 -13.99
C CYS A 210 6.76 -5.27 -14.23
N ASP A 211 6.88 -4.87 -15.50
CA ASP A 211 7.60 -3.65 -15.80
C ASP A 211 6.67 -2.44 -15.72
N GLY A 212 7.21 -1.26 -16.01
CA GLY A 212 6.42 -0.03 -15.97
C GLY A 212 5.40 0.11 -17.08
N SER A 213 5.36 -0.83 -18.02
CA SER A 213 4.29 -0.94 -19.00
C SER A 213 3.27 -2.01 -18.62
N GLY A 214 3.33 -2.51 -17.38
CA GLY A 214 2.38 -3.50 -16.93
C GLY A 214 2.49 -4.84 -17.64
N LEU A 215 3.68 -5.19 -18.14
CA LEU A 215 3.90 -6.47 -18.78
C LEU A 215 4.68 -7.38 -17.85
N ILE A 216 4.27 -8.65 -17.80
CA ILE A 216 4.91 -9.64 -16.93
C ILE A 216 6.21 -10.09 -17.60
N ARG A 217 7.31 -10.03 -16.85
CA ARG A 217 8.63 -10.29 -17.39
C ARG A 217 9.30 -11.52 -16.81
N GLY A 218 8.88 -11.98 -15.63
CA GLY A 218 9.56 -13.08 -14.99
C GLY A 218 8.90 -13.39 -13.66
N ALA A 219 9.50 -14.30 -12.91
CA ALA A 219 8.90 -14.75 -11.65
C ALA A 219 9.98 -15.17 -10.66
N ALA A 220 9.67 -15.00 -9.38
CA ALA A 220 10.53 -15.40 -8.28
C ALA A 220 9.68 -16.11 -7.23
N LEU A 221 10.30 -16.60 -6.17
CA LEU A 221 9.56 -17.11 -5.04
C LEU A 221 9.34 -16.01 -4.01
N GLY A 222 8.32 -16.21 -3.18
CA GLY A 222 7.98 -15.23 -2.17
C GLY A 222 7.52 -15.88 -0.89
N ASN A 223 7.75 -15.17 0.20
CA ASN A 223 7.15 -15.49 1.49
C ASN A 223 6.41 -14.25 1.97
N ASP A 224 5.07 -14.35 1.93
CA ASP A 224 4.15 -13.33 2.41
C ASP A 224 3.89 -13.63 3.89
N VAL A 225 4.83 -13.18 4.73
CA VAL A 225 4.73 -13.42 6.17
C VAL A 225 3.44 -12.82 6.70
N ASN A 226 2.72 -13.61 7.50
CA ASN A 226 1.31 -13.36 7.78
C ASN A 226 1.00 -13.51 9.26
N LEU A 227 0.28 -12.54 9.82
CA LEU A 227 -0.08 -12.56 11.24
C LEU A 227 -1.58 -12.84 11.34
N ARG A 228 -1.92 -14.11 11.56
CA ARG A 228 -3.31 -14.55 11.55
C ARG A 228 -4.13 -13.90 12.64
N ASP A 229 -3.55 -13.67 13.82
CA ASP A 229 -4.37 -13.17 14.92
C ASP A 229 -4.83 -11.74 14.65
N PHE A 230 -3.98 -10.92 14.01
CA PHE A 230 -4.37 -9.57 13.63
C PHE A 230 -5.51 -9.58 12.63
N GLU A 231 -5.34 -10.30 11.51
CA GLU A 231 -6.36 -10.33 10.48
CA GLU A 231 -6.37 -10.32 10.49
C GLU A 231 -7.65 -10.97 10.99
N GLY A 232 -7.54 -11.94 11.91
CA GLY A 232 -8.71 -12.56 12.50
C GLY A 232 -9.50 -11.63 13.40
N ARG A 233 -8.83 -10.69 14.08
CA ARG A 233 -9.58 -9.73 14.88
C ARG A 233 -10.35 -8.74 14.02
N SER A 234 -9.79 -8.36 12.88
CA SER A 234 -10.45 -7.43 11.96
C SER A 234 -9.77 -7.45 10.61
N ALA A 235 -10.54 -7.58 9.53
CA ALA A 235 -9.93 -7.48 8.20
C ALA A 235 -9.34 -6.11 7.94
N LEU A 236 -9.77 -5.08 8.69
CA LEU A 236 -9.15 -3.77 8.57
C LEU A 236 -7.74 -3.74 9.17
N LEU A 237 -7.33 -4.79 9.87
CA LEU A 237 -5.94 -4.96 10.28
C LEU A 237 -5.13 -5.75 9.27
N LEU A 238 -5.67 -5.96 8.06
CA LEU A 238 -4.91 -6.67 7.02
C LEU A 238 -3.52 -6.06 6.83
N SER A 239 -3.46 -4.74 6.68
CA SER A 239 -2.16 -4.10 6.47
C SER A 239 -1.24 -4.39 7.65
N LYS A 240 -1.74 -4.29 8.88
CA LYS A 240 -0.89 -4.57 10.02
C LYS A 240 -0.54 -6.05 10.11
N ALA A 241 -1.35 -6.93 9.52
CA ALA A 241 -1.00 -8.34 9.52
C ALA A 241 0.01 -8.68 8.44
N LYS A 242 0.26 -7.78 7.49
CA LYS A 242 1.07 -8.08 6.32
C LYS A 242 2.33 -7.23 6.19
N ASP A 243 2.34 -6.02 6.75
CA ASP A 243 3.33 -4.98 6.44
C ASP A 243 3.98 -4.51 7.73
N ASN A 244 5.12 -5.12 8.07
CA ASN A 244 5.93 -4.74 9.21
C ASN A 244 7.38 -4.89 8.80
N ASN A 245 8.30 -4.47 9.67
CA ASN A 245 9.72 -4.56 9.35
C ASN A 245 10.10 -5.99 8.97
N ALA A 246 10.69 -6.14 7.77
CA ALA A 246 11.20 -7.42 7.25
C ALA A 246 10.10 -8.48 7.10
N SER A 247 8.86 -8.08 6.82
CA SER A 247 7.78 -9.05 6.70
C SER A 247 7.59 -9.55 5.26
N CYS A 248 8.45 -9.14 4.32
CA CYS A 248 8.31 -9.50 2.91
C CYS A 248 9.60 -10.14 2.45
N ALA A 249 9.54 -11.34 1.87
CA ALA A 249 10.76 -11.89 1.26
C ALA A 249 10.48 -12.31 -0.17
N ILE A 250 11.39 -11.94 -1.07
CA ILE A 250 11.28 -12.23 -2.50
C ILE A 250 12.66 -12.68 -2.98
N GLY A 251 12.67 -13.77 -3.75
CA GLY A 251 13.95 -14.18 -4.33
C GLY A 251 13.99 -15.64 -4.70
N PRO A 252 15.19 -16.24 -4.92
CA PRO A 252 16.48 -15.52 -4.85
C PRO A 252 16.75 -14.55 -5.98
N PHE A 253 16.35 -14.91 -7.18
CA PHE A 253 16.39 -14.06 -8.37
C PHE A 253 15.02 -14.09 -9.03
N PHE A 254 14.72 -13.08 -9.83
CA PHE A 254 13.67 -13.25 -10.82
C PHE A 254 14.22 -14.09 -11.97
N ARG A 255 13.50 -15.11 -12.37
CA ARG A 255 13.85 -15.82 -13.59
C ARG A 255 13.06 -15.17 -14.72
N LEU A 256 13.78 -14.65 -15.71
CA LEU A 256 13.11 -13.97 -16.81
C LEU A 256 12.57 -14.97 -17.83
N PHE A 257 11.48 -14.59 -18.48
CA PHE A 257 10.91 -15.41 -19.54
C PHE A 257 11.86 -15.47 -20.73
N ASP A 258 12.07 -16.66 -21.26
CA ASP A 258 12.89 -16.78 -22.46
C ASP A 258 12.51 -18.08 -23.16
N GLU A 259 13.41 -18.58 -23.99
CA GLU A 259 13.14 -19.83 -24.70
C GLU A 259 12.97 -21.02 -23.75
N THR A 260 13.50 -20.93 -22.52
CA THR A 260 13.49 -22.04 -21.57
C THR A 260 12.39 -21.94 -20.52
N PHE A 261 11.73 -20.79 -20.40
CA PHE A 261 10.88 -20.56 -19.23
C PHE A 261 9.86 -19.49 -19.58
N GLY A 262 8.60 -19.75 -19.21
CA GLY A 262 7.53 -18.83 -19.52
C GLY A 262 6.42 -18.89 -18.51
N LEU A 263 5.39 -18.08 -18.75
CA LEU A 263 4.30 -17.98 -17.78
C LEU A 263 3.56 -19.30 -17.63
N ASP A 264 3.56 -20.14 -18.67
CA ASP A 264 2.91 -21.43 -18.52
C ASP A 264 3.63 -22.32 -17.50
N ASP A 265 4.94 -22.15 -17.35
CA ASP A 265 5.67 -22.86 -16.30
C ASP A 265 5.31 -22.36 -14.91
N VAL A 266 4.98 -21.08 -14.79
CA VAL A 266 4.45 -20.55 -13.53
C VAL A 266 3.07 -21.13 -13.26
N ARG A 267 2.23 -21.20 -14.30
CA ARG A 267 0.85 -21.64 -14.15
C ARG A 267 0.76 -23.07 -13.60
N SER A 268 1.75 -23.90 -13.87
CA SER A 268 1.73 -25.29 -13.42
C SER A 268 2.79 -25.57 -12.36
N ALA A 269 3.35 -24.54 -11.73
CA ALA A 269 4.43 -24.75 -10.77
C ALA A 269 3.91 -25.39 -9.49
N GLU A 270 4.65 -26.37 -8.98
CA GLU A 270 4.41 -26.96 -7.67
C GLU A 270 5.29 -26.23 -6.66
N VAL A 271 4.66 -25.52 -5.72
CA VAL A 271 5.40 -24.74 -4.73
C VAL A 271 5.40 -25.50 -3.42
N GLU A 272 6.61 -25.72 -2.88
CA GLU A 272 6.82 -26.47 -1.66
C GLU A 272 7.26 -25.52 -0.55
N LEU A 273 6.84 -25.84 0.68
CA LEU A 273 7.17 -25.11 1.90
C LEU A 273 7.73 -26.09 2.91
N LYS A 274 8.85 -25.74 3.52
CA LYS A 274 9.39 -26.47 4.65
C LYS A 274 9.75 -25.50 5.76
N ILE A 275 9.28 -25.79 6.97
CA ILE A 275 9.60 -25.00 8.16
C ILE A 275 10.35 -25.90 9.12
N THR A 276 11.53 -25.47 9.54
CA THR A 276 12.37 -26.23 10.48
C THR A 276 12.63 -25.37 11.69
N GLY A 277 12.33 -25.90 12.87
CA GLY A 277 12.51 -25.14 14.10
C GLY A 277 13.70 -25.59 14.92
N ARG A 278 14.15 -24.74 15.84
CA ARG A 278 15.18 -25.18 16.78
C ARG A 278 14.66 -26.29 17.69
N ASP A 279 13.34 -26.29 17.98
CA ASP A 279 12.70 -27.34 18.76
C ASP A 279 12.52 -28.66 18.00
N ASN A 280 13.12 -28.79 16.81
CA ASN A 280 13.04 -29.95 15.93
C ASN A 280 11.67 -30.13 15.30
N PHE A 281 10.79 -29.14 15.43
CA PHE A 281 9.56 -29.13 14.67
C PHE A 281 9.89 -29.09 13.19
N VAL A 282 9.16 -29.87 12.40
CA VAL A 282 9.28 -29.84 10.95
C VAL A 282 7.87 -29.80 10.36
N LEU A 283 7.65 -28.87 9.43
CA LEU A 283 6.37 -28.75 8.72
C LEU A 283 6.65 -28.78 7.23
N ASP A 284 5.88 -29.58 6.50
CA ASP A 284 5.96 -29.65 5.05
C ASP A 284 4.59 -29.35 4.46
N GLY A 285 4.59 -28.58 3.38
CA GLY A 285 3.37 -28.34 2.62
C GLY A 285 3.71 -28.18 1.14
N LYS A 286 2.78 -28.60 0.29
CA LYS A 286 3.06 -28.60 -1.15
C LYS A 286 1.76 -28.34 -1.91
N SER A 287 1.79 -27.36 -2.83
CA SER A 287 0.57 -26.91 -3.48
C SER A 287 0.84 -26.47 -4.90
N ASN A 288 -0.08 -26.76 -5.81
CA ASN A 288 0.14 -26.50 -7.22
C ASN A 288 -0.55 -25.21 -7.65
N MET A 289 0.17 -24.40 -8.42
CA MET A 289 -0.41 -23.22 -9.03
C MET A 289 -1.57 -23.55 -9.99
N SER A 290 -1.66 -24.82 -10.44
CA SER A 290 -2.75 -25.20 -11.35
C SER A 290 -4.12 -24.94 -10.76
N LEU A 291 -4.22 -24.90 -9.43
CA LEU A 291 -5.52 -24.76 -8.79
C LEU A 291 -5.91 -23.31 -8.55
N ILE A 292 -5.05 -22.35 -8.91
CA ILE A 292 -5.39 -20.95 -8.68
C ILE A 292 -6.65 -20.61 -9.47
N SER A 293 -7.54 -19.82 -8.87
CA SER A 293 -8.84 -19.58 -9.46
C SER A 293 -8.85 -18.39 -10.43
N ARG A 294 -7.81 -17.57 -10.41
CA ARG A 294 -7.68 -16.44 -11.33
C ARG A 294 -6.30 -16.52 -11.94
N ASP A 295 -6.23 -16.44 -13.27
CA ASP A 295 -4.97 -16.61 -13.97
C ASP A 295 -3.98 -15.52 -13.57
N PRO A 296 -2.69 -15.84 -13.49
CA PRO A 296 -1.69 -14.79 -13.17
C PRO A 296 -1.75 -13.58 -14.08
N ALA A 297 -1.99 -13.77 -15.38
CA ALA A 297 -2.11 -12.61 -16.26
C ALA A 297 -3.37 -11.81 -15.94
N VAL A 298 -4.45 -12.49 -15.54
CA VAL A 298 -5.66 -11.79 -15.15
C VAL A 298 -5.44 -11.00 -13.87
N LEU A 299 -4.72 -11.57 -12.91
CA LEU A 299 -4.40 -10.84 -11.68
C LEU A 299 -3.55 -9.61 -11.97
N ALA A 300 -2.52 -9.77 -12.81
CA ALA A 300 -1.70 -8.63 -13.19
C ALA A 300 -2.55 -7.55 -13.86
N GLY A 301 -3.52 -7.97 -14.68
CA GLY A 301 -4.42 -7.04 -15.34
C GLY A 301 -5.44 -6.39 -14.43
N GLN A 302 -5.71 -7.00 -13.27
CA GLN A 302 -6.52 -6.29 -12.28
C GLN A 302 -5.69 -5.29 -11.50
N ALA A 303 -4.39 -5.57 -11.30
CA ALA A 303 -3.53 -4.62 -10.60
C ALA A 303 -3.21 -3.40 -11.45
N TYR A 304 -3.10 -3.60 -12.77
CA TYR A 304 -2.57 -2.60 -13.69
C TYR A 304 -3.54 -2.45 -14.86
N GLY A 305 -3.89 -1.21 -15.19
CA GLY A 305 -4.76 -1.00 -16.33
C GLY A 305 -5.12 0.47 -16.44
N LYS A 306 -6.32 0.71 -16.96
CA LYS A 306 -6.75 2.10 -17.13
C LYS A 306 -6.88 2.82 -15.80
N GLN A 307 -7.08 2.09 -14.71
CA GLN A 307 -7.39 2.75 -13.45
C GLN A 307 -6.27 2.66 -12.42
N HIS A 308 -5.13 2.08 -12.78
CA HIS A 308 -3.93 2.17 -11.93
C HIS A 308 -2.71 1.87 -12.78
N GLN A 309 -1.71 2.74 -12.70
CA GLN A 309 -0.46 2.52 -13.40
C GLN A 309 0.66 2.36 -12.38
N TYR A 310 1.83 1.98 -12.87
CA TYR A 310 3.00 1.71 -12.02
C TYR A 310 4.23 2.04 -12.84
N PRO A 311 4.64 3.31 -12.90
CA PRO A 311 5.70 3.69 -13.84
C PRO A 311 7.04 3.01 -13.57
N ASP A 312 7.31 2.58 -12.34
CA ASP A 312 8.55 1.86 -12.07
C ASP A 312 8.35 0.35 -12.08
N GLY A 313 7.17 -0.11 -12.47
CA GLY A 313 6.86 -1.52 -12.39
C GLY A 313 6.35 -1.92 -11.04
N PHE A 314 6.04 -3.21 -10.90
CA PHE A 314 5.58 -3.74 -9.62
C PHE A 314 5.87 -5.23 -9.56
N ALA A 315 6.00 -5.74 -8.35
CA ALA A 315 6.02 -7.17 -8.08
C ALA A 315 4.65 -7.58 -7.58
N LEU A 316 4.21 -8.79 -7.94
CA LEU A 316 2.87 -9.25 -7.55
C LEU A 316 2.94 -10.67 -6.98
N PHE A 317 2.78 -10.79 -5.65
CA PHE A 317 2.52 -12.08 -5.02
C PHE A 317 1.20 -12.64 -5.53
N LEU A 318 1.18 -13.93 -5.88
CA LEU A 318 -0.01 -14.50 -6.52
C LEU A 318 -0.94 -15.20 -5.54
N GLY A 319 -0.58 -15.27 -4.26
CA GLY A 319 -1.43 -15.88 -3.26
C GLY A 319 -1.03 -17.33 -2.99
N THR A 320 -1.78 -17.97 -2.10
CA THR A 320 -1.43 -19.34 -1.76
C THR A 320 -2.67 -20.10 -1.33
N MET A 321 -2.62 -21.43 -1.47
CA MET A 321 -3.62 -22.29 -0.88
C MET A 321 -3.09 -23.05 0.32
N PHE A 322 -1.86 -22.75 0.76
CA PHE A 322 -1.34 -23.32 1.99
C PHE A 322 -2.17 -22.87 3.18
N ALA A 323 -2.52 -23.81 4.05
CA ALA A 323 -3.29 -23.53 5.26
C ALA A 323 -2.43 -23.89 6.47
N PRO A 324 -2.20 -22.95 7.40
CA PRO A 324 -1.29 -23.21 8.54
C PRO A 324 -1.99 -23.88 9.72
N ILE A 325 -2.56 -25.05 9.48
CA ILE A 325 -3.39 -25.70 10.49
C ILE A 325 -2.65 -26.77 11.29
N GLN A 326 -1.41 -27.11 10.92
CA GLN A 326 -0.67 -28.10 11.70
C GLN A 326 -0.33 -27.50 13.07
N ASP A 327 -0.74 -28.21 14.13
CA ASP A 327 -0.47 -27.76 15.48
C ASP A 327 1.03 -27.84 15.78
N ARG A 328 1.53 -26.88 16.55
CA ARG A 328 2.91 -26.93 17.01
C ARG A 328 2.97 -27.27 18.49
N ASP A 329 2.64 -26.30 19.34
CA ASP A 329 2.67 -26.49 20.79
C ASP A 329 1.32 -26.38 21.47
N THR A 330 0.32 -25.80 20.82
CA THR A 330 -1.00 -25.62 21.42
C THR A 330 -2.02 -26.37 20.58
N PRO A 331 -2.66 -27.41 21.13
CA PRO A 331 -3.63 -28.18 20.34
C PRO A 331 -4.81 -27.31 19.90
N GLY A 332 -5.13 -27.40 18.61
CA GLY A 332 -6.29 -26.74 18.05
C GLY A 332 -6.05 -25.36 17.47
N GLN A 333 -4.94 -24.72 17.79
CA GLN A 333 -4.71 -23.33 17.41
C GLN A 333 -3.82 -23.18 16.19
N GLY A 334 -3.29 -24.27 15.64
CA GLY A 334 -2.53 -24.20 14.41
C GLY A 334 -1.07 -23.88 14.63
N PHE A 335 -0.41 -23.49 13.55
CA PHE A 335 1.02 -23.21 13.58
C PHE A 335 1.26 -21.78 14.06
N THR A 336 2.41 -21.60 14.71
CA THR A 336 2.94 -20.26 14.91
C THR A 336 4.47 -20.36 14.95
N HIS A 337 5.12 -19.28 14.53
CA HIS A 337 6.58 -19.27 14.43
C HIS A 337 7.24 -19.16 15.79
N LYS A 338 8.47 -19.69 15.87
CA LYS A 338 9.38 -19.43 16.96
C LYS A 338 10.63 -18.77 16.38
N VAL A 339 11.28 -17.93 17.19
CA VAL A 339 12.52 -17.31 16.74
C VAL A 339 13.52 -18.39 16.33
N GLY A 340 14.16 -18.19 15.18
CA GLY A 340 15.11 -19.15 14.66
C GLY A 340 14.55 -20.16 13.68
N ASP A 341 13.25 -20.14 13.43
CA ASP A 341 12.69 -21.00 12.39
C ASP A 341 13.36 -20.69 11.06
N ARG A 342 13.65 -21.73 10.30
CA ARG A 342 14.12 -21.59 8.93
C ARG A 342 12.99 -21.99 8.00
N VAL A 343 12.66 -21.12 7.05
CA VAL A 343 11.54 -21.31 6.14
C VAL A 343 12.08 -21.37 4.71
N ARG A 344 11.80 -22.49 4.03
CA ARG A 344 12.21 -22.71 2.66
C ARG A 344 10.97 -22.74 1.78
N VAL A 345 10.94 -21.89 0.76
CA VAL A 345 9.92 -21.92 -0.29
C VAL A 345 10.62 -22.30 -1.58
N SER A 346 10.12 -23.31 -2.27
CA SER A 346 10.88 -23.82 -3.42
C SER A 346 10.00 -24.23 -4.58
N THR A 347 10.57 -24.13 -5.78
CA THR A 347 9.96 -24.78 -6.93
C THR A 347 11.06 -25.02 -7.95
N PRO A 348 11.01 -26.12 -8.72
CA PRO A 348 12.20 -26.51 -9.50
C PRO A 348 12.70 -25.46 -10.46
N LYS A 349 11.82 -24.73 -11.14
CA LYS A 349 12.30 -23.76 -12.12
C LYS A 349 12.76 -22.45 -11.52
N LEU A 350 12.50 -22.21 -10.23
CA LEU A 350 12.89 -20.95 -9.60
C LEU A 350 13.92 -21.09 -8.50
N GLY A 351 14.14 -22.29 -7.99
CA GLY A 351 15.11 -22.48 -6.92
C GLY A 351 14.47 -22.50 -5.55
N VAL A 352 15.15 -21.85 -4.60
CA VAL A 352 14.81 -21.91 -3.18
C VAL A 352 14.98 -20.54 -2.56
N LEU A 353 13.92 -20.04 -1.94
CA LEU A 353 13.96 -18.85 -1.09
C LEU A 353 14.00 -19.34 0.35
N GLU A 354 15.08 -19.06 1.05
CA GLU A 354 15.19 -19.48 2.44
C GLU A 354 15.45 -18.29 3.33
N ASN A 355 14.70 -18.20 4.42
CA ASN A 355 14.86 -17.13 5.39
C ASN A 355 14.84 -17.71 6.80
N GLU A 356 15.30 -16.91 7.75
CA GLU A 356 15.26 -17.24 9.17
C GLU A 356 14.31 -16.26 9.86
N VAL A 357 13.50 -16.76 10.79
CA VAL A 357 12.44 -15.97 11.41
C VAL A 357 12.96 -15.37 12.71
N THR A 358 12.69 -14.08 12.91
CA THR A 358 12.85 -13.44 14.20
C THR A 358 11.70 -12.46 14.37
N THR A 359 11.72 -11.66 15.42
CA THR A 359 10.66 -10.67 15.58
C THR A 359 11.05 -9.36 14.91
N CYS A 360 10.04 -8.56 14.57
CA CYS A 360 10.26 -7.34 13.78
C CYS A 360 11.17 -6.35 14.50
N ASP A 361 11.10 -6.31 15.83
CA ASP A 361 11.96 -5.42 16.61
C ASP A 361 13.40 -5.92 16.71
N LYS A 362 13.63 -7.23 16.57
CA LYS A 362 14.97 -7.78 16.61
C LYS A 362 15.67 -7.82 15.25
N ALA A 363 14.91 -7.85 14.16
CA ALA A 363 15.51 -7.71 12.83
C ALA A 363 16.12 -6.32 12.68
N LYS A 364 17.11 -6.22 11.78
CA LYS A 364 17.70 -4.91 11.52
C LYS A 364 16.63 -3.98 10.98
N PRO A 365 16.60 -2.72 11.42
CA PRO A 365 15.58 -1.79 10.94
C PRO A 365 15.77 -1.52 9.45
N TRP A 366 14.67 -1.13 8.81
CA TRP A 366 14.75 -0.67 7.43
C TRP A 366 15.36 0.73 7.41
N THR A 367 16.60 0.85 6.94
CA THR A 367 17.26 2.14 6.86
C THR A 367 17.61 2.58 5.44
N PHE A 368 17.74 1.65 4.50
CA PHE A 368 18.15 1.94 3.14
C PHE A 368 16.90 2.15 2.29
N GLY A 369 16.42 3.39 2.26
CA GLY A 369 15.25 3.75 1.48
C GLY A 369 15.62 4.40 0.15
N ILE A 370 14.66 5.14 -0.41
CA ILE A 370 14.86 5.71 -1.74
C ILE A 370 16.01 6.70 -1.72
N SER A 371 16.04 7.60 -0.74
CA SER A 371 17.11 8.59 -0.73
C SER A 371 18.48 7.95 -0.59
N ALA A 372 18.56 6.89 0.23
CA ALA A 372 19.81 6.17 0.40
C ALA A 372 20.28 5.56 -0.92
N LEU A 373 19.35 4.96 -1.67
CA LEU A 373 19.70 4.43 -2.99
C LEU A 373 20.16 5.54 -3.92
N ILE A 374 19.44 6.67 -3.94
CA ILE A 374 19.81 7.77 -4.83
C ILE A 374 21.23 8.23 -4.54
N ARG A 375 21.55 8.46 -3.26
CA ARG A 375 22.89 8.94 -2.91
C ARG A 375 23.94 7.90 -3.27
N ASN A 376 23.64 6.62 -3.06
CA ASN A 376 24.61 5.58 -3.41
C ASN A 376 24.87 5.54 -4.92
N LEU A 377 23.80 5.57 -5.72
CA LEU A 377 23.96 5.53 -7.17
C LEU A 377 24.64 6.79 -7.69
N ALA A 378 24.29 7.96 -7.14
CA ALA A 378 24.94 9.19 -7.56
C ALA A 378 26.43 9.17 -7.25
N GLY A 379 26.80 8.70 -6.06
CA GLY A 379 28.21 8.65 -5.69
C GLY A 379 29.04 7.71 -6.54
N ARG A 380 28.40 6.76 -7.19
CA ARG A 380 29.09 5.83 -8.07
C ARG A 380 29.11 6.29 -9.52
N GLY A 381 28.52 7.45 -9.82
CA GLY A 381 28.50 7.93 -11.19
C GLY A 381 27.56 7.17 -12.10
N LEU A 382 26.56 6.50 -11.55
CA LEU A 382 25.66 5.65 -12.34
C LEU A 382 24.42 6.41 -12.83
N LEU A 383 24.29 7.68 -12.50
CA LEU A 383 23.13 8.44 -12.94
C LEU A 383 23.51 9.43 -14.04
N GLY B 1 -6.44 35.49 -6.25
CA GLY B 1 -6.38 34.37 -7.16
C GLY B 1 -5.64 33.17 -6.62
N VAL B 2 -4.42 33.41 -6.13
CA VAL B 2 -3.58 32.35 -5.55
C VAL B 2 -3.71 32.39 -4.04
N SER B 3 -3.87 33.59 -3.48
CA SER B 3 -4.06 33.74 -2.05
C SER B 3 -5.39 33.17 -1.58
N GLU B 4 -6.32 32.88 -2.49
CA GLU B 4 -7.62 32.34 -2.09
C GLU B 4 -7.50 30.94 -1.49
N PHE B 5 -6.43 30.20 -1.77
CA PHE B 5 -6.31 28.85 -1.22
C PHE B 5 -5.21 28.75 -0.16
N LEU B 6 -4.67 29.87 0.33
CA LEU B 6 -3.62 29.83 1.32
C LEU B 6 -4.16 30.11 2.72
N PRO B 7 -3.41 29.77 3.77
CA PRO B 7 -3.84 30.10 5.14
C PRO B 7 -4.20 31.56 5.29
N GLU B 8 -5.07 31.85 6.26
CA GLU B 8 -5.46 33.23 6.50
C GLU B 8 -4.26 34.09 6.90
N ASP B 9 -3.28 33.50 7.56
CA ASP B 9 -2.07 34.21 7.99
C ASP B 9 -0.85 33.73 7.22
N TRP B 10 -1.01 33.50 5.91
CA TRP B 10 -0.01 32.72 5.19
C TRP B 10 1.31 33.44 5.04
N LYS B 11 1.31 34.77 5.01
CA LYS B 11 2.56 35.50 4.90
C LYS B 11 3.39 35.38 6.17
N ALA B 12 2.78 35.03 7.30
CA ALA B 12 3.50 34.75 8.54
C ALA B 12 3.83 33.28 8.74
N ALA B 13 3.33 32.41 7.86
CA ALA B 13 3.51 30.97 7.98
C ALA B 13 4.81 30.54 7.33
N THR B 14 5.24 29.32 7.67
CA THR B 14 6.29 28.61 6.95
C THR B 14 5.64 27.44 6.23
N LEU B 15 5.59 27.52 4.90
CA LEU B 15 4.94 26.49 4.09
C LEU B 15 5.99 25.71 3.32
N LEU B 16 5.79 24.41 3.21
CA LEU B 16 6.74 23.52 2.55
C LEU B 16 6.00 22.75 1.45
N GLY B 17 6.55 22.76 0.25
CA GLY B 17 5.86 22.04 -0.81
C GLY B 17 6.76 21.85 -2.00
N ARG B 18 6.12 21.66 -3.15
CA ARG B 18 6.84 21.35 -4.37
C ARG B 18 6.20 22.11 -5.51
N ILE B 19 7.04 22.72 -6.33
CA ILE B 19 6.59 23.47 -7.49
C ILE B 19 7.43 23.03 -8.68
N ASP B 20 6.81 22.93 -9.86
CA ASP B 20 7.55 22.80 -11.10
C ASP B 20 7.56 24.16 -11.78
N PHE B 21 8.74 24.77 -11.82
CA PHE B 21 8.95 26.07 -12.48
C PHE B 21 9.22 25.91 -13.96
N GLY B 22 9.29 24.68 -14.47
CA GLY B 22 9.55 24.44 -15.88
C GLY B 22 10.70 23.49 -16.12
N GLU B 23 11.42 23.13 -15.06
CA GLU B 23 12.54 22.19 -15.15
C GLU B 23 12.30 20.91 -14.37
N GLY B 24 11.16 20.78 -13.69
CA GLY B 24 10.87 19.60 -12.92
C GLY B 24 10.53 19.95 -11.49
N PRO B 25 10.16 18.93 -10.71
CA PRO B 25 9.73 19.18 -9.33
C PRO B 25 10.85 19.78 -8.48
N THR B 26 10.49 20.77 -7.68
CA THR B 26 11.44 21.52 -6.89
C THR B 26 10.89 21.70 -5.48
N PRO B 27 11.59 21.26 -4.44
CA PRO B 27 11.16 21.57 -3.08
C PRO B 27 11.23 23.08 -2.85
N VAL B 28 10.19 23.63 -2.24
CA VAL B 28 10.14 25.06 -1.96
C VAL B 28 9.70 25.28 -0.52
N LEU B 29 10.19 26.39 0.05
CA LEU B 29 9.62 26.97 1.27
C LEU B 29 8.96 28.28 0.90
N VAL B 30 7.81 28.56 1.51
CA VAL B 30 7.18 29.86 1.39
C VAL B 30 7.27 30.52 2.76
N ARG B 31 8.07 31.57 2.84
CA ARG B 31 8.27 32.32 4.08
C ARG B 31 8.18 33.81 3.76
N GLY B 32 7.54 34.56 4.65
CA GLY B 32 7.28 35.96 4.36
C GLY B 32 6.49 36.17 3.09
N GLY B 33 5.69 35.18 2.69
CA GLY B 33 4.97 35.23 1.43
C GLY B 33 5.81 35.04 0.18
N ARG B 34 7.11 34.81 0.33
CA ARG B 34 8.01 34.66 -0.81
C ARG B 34 8.44 33.21 -0.94
N VAL B 35 8.58 32.77 -2.18
CA VAL B 35 8.93 31.39 -2.50
C VAL B 35 10.45 31.27 -2.54
N GLU B 36 10.97 30.21 -1.92
CA GLU B 36 12.38 29.86 -1.95
C GLU B 36 12.50 28.48 -2.59
N ASP B 37 13.27 28.40 -3.66
CA ASP B 37 13.71 27.12 -4.22
C ASP B 37 14.82 26.62 -3.30
N VAL B 38 14.57 25.53 -2.57
CA VAL B 38 15.56 25.01 -1.63
C VAL B 38 16.28 23.78 -2.19
N SER B 39 16.20 23.56 -3.50
CA SER B 39 16.73 22.34 -4.11
C SER B 39 18.25 22.22 -3.94
N LYS B 40 18.95 23.34 -3.83
CA LYS B 40 20.38 23.26 -3.55
C LYS B 40 20.67 22.94 -2.09
N ILE B 41 19.70 23.16 -1.20
CA ILE B 41 19.86 22.77 0.20
C ILE B 41 19.59 21.28 0.36
N ALA B 42 18.52 20.79 -0.26
CA ALA B 42 18.19 19.37 -0.29
C ALA B 42 17.36 19.16 -1.54
N PRO B 43 17.59 18.08 -2.30
CA PRO B 43 16.92 17.92 -3.60
C PRO B 43 15.46 17.50 -3.51
N THR B 44 15.00 17.02 -2.36
CA THR B 44 13.62 16.56 -2.18
C THR B 44 13.13 17.06 -0.83
N VAL B 45 11.80 17.06 -0.67
CA VAL B 45 11.19 17.41 0.61
C VAL B 45 11.59 16.39 1.69
N ALA B 46 11.59 15.10 1.32
CA ALA B 46 11.97 14.05 2.28
C ALA B 46 13.41 14.26 2.77
N ASP B 47 14.32 14.59 1.86
CA ASP B 47 15.71 14.85 2.26
C ASP B 47 15.79 16.09 3.13
N LEU B 48 15.04 17.13 2.78
CA LEU B 48 15.06 18.35 3.58
C LEU B 48 14.66 18.07 5.01
N MET B 49 13.61 17.28 5.20
CA MET B 49 13.17 16.96 6.55
C MET B 49 14.18 16.09 7.28
N ASN B 50 14.88 15.20 6.57
CA ASN B 50 15.89 14.39 7.24
C ASN B 50 17.19 15.14 7.50
N ALA B 51 17.38 16.30 6.88
CA ALA B 51 18.62 17.06 7.08
C ALA B 51 18.52 18.10 8.19
N PHE B 52 17.30 18.52 8.53
CA PHE B 52 17.06 19.56 9.53
C PHE B 52 16.06 19.03 10.54
N GLN B 53 16.49 18.90 11.79
CA GLN B 53 15.64 18.39 12.87
C GLN B 53 14.57 19.42 13.23
N PRO B 54 13.49 18.98 13.89
CA PRO B 54 12.45 19.93 14.32
C PRO B 54 13.07 21.06 15.14
N GLY B 55 12.62 22.28 14.87
CA GLY B 55 13.12 23.43 15.56
C GLY B 55 14.40 24.02 14.99
N ALA B 56 15.15 23.25 14.20
CA ALA B 56 16.33 23.82 13.54
C ALA B 56 15.89 24.73 12.41
N VAL B 57 16.53 25.90 12.30
CA VAL B 57 16.18 26.83 11.24
C VAL B 57 16.71 26.31 9.92
N ILE B 58 15.85 26.25 8.92
CA ILE B 58 16.30 25.90 7.57
C ILE B 58 16.84 27.16 6.90
N PRO B 59 18.07 27.12 6.36
CA PRO B 59 18.63 28.32 5.73
C PRO B 59 17.80 28.76 4.54
N ARG B 60 18.10 29.97 4.08
CA ARG B 60 17.38 30.57 2.98
CA ARG B 60 17.37 30.57 2.98
C ARG B 60 17.77 29.93 1.66
N GLY B 61 16.77 29.61 0.83
CA GLY B 61 17.00 29.12 -0.51
C GLY B 61 17.07 30.25 -1.51
N GLU B 62 16.90 29.90 -2.79
CA GLU B 62 16.96 30.88 -3.87
C GLU B 62 15.61 31.56 -4.02
N ASP B 63 15.60 32.89 -3.93
CA ASP B 63 14.34 33.62 -3.95
C ASP B 63 13.69 33.54 -5.32
N LYS B 64 12.41 33.15 -5.35
CA LYS B 64 11.64 33.05 -6.59
C LYS B 64 10.51 34.07 -6.63
N GLY B 65 10.52 35.07 -5.74
CA GLY B 65 9.52 36.11 -5.75
C GLY B 65 8.29 35.79 -4.92
N PRO B 66 7.38 36.76 -4.84
CA PRO B 66 6.13 36.55 -4.09
C PRO B 66 5.32 35.40 -4.66
N LEU B 67 4.74 34.59 -3.77
CA LEU B 67 3.96 33.44 -4.22
C LEU B 67 2.79 33.88 -5.08
N GLU B 68 2.13 34.99 -4.71
CA GLU B 68 0.94 35.38 -5.45
C GLU B 68 1.26 35.90 -6.83
N ALA B 69 2.53 36.20 -7.13
CA ALA B 69 2.94 36.61 -8.46
C ALA B 69 3.23 35.45 -9.40
N LEU B 70 3.29 34.21 -8.90
CA LEU B 70 3.51 33.06 -9.77
C LEU B 70 2.21 32.71 -10.50
N ASP B 71 2.35 32.35 -11.78
CA ASP B 71 1.19 32.08 -12.64
C ASP B 71 0.77 30.62 -12.45
N ILE B 72 0.15 30.37 -11.29
CA ILE B 72 -0.34 29.06 -10.88
C ILE B 72 -1.83 29.00 -11.19
N ARG B 73 -2.27 27.93 -11.85
CA ARG B 73 -3.68 27.80 -12.25
C ARG B 73 -4.16 26.37 -11.99
N PRO B 74 -5.40 26.21 -11.54
CA PRO B 74 -5.96 24.87 -11.35
C PRO B 74 -6.41 24.28 -12.68
N VAL B 75 -6.65 22.96 -12.66
CA VAL B 75 -6.95 22.24 -13.89
C VAL B 75 -8.29 22.66 -14.48
N TRP B 76 -9.24 23.10 -13.64
CA TRP B 76 -10.53 23.50 -14.17
C TRP B 76 -10.49 24.87 -14.85
N GLU B 77 -9.39 25.60 -14.71
CA GLU B 77 -9.18 26.83 -15.46
C GLU B 77 -8.04 26.72 -16.46
N ASP B 78 -7.31 25.60 -16.46
CA ASP B 78 -6.15 25.42 -17.33
C ASP B 78 -6.06 23.94 -17.69
N PRO B 79 -7.01 23.43 -18.47
CA PRO B 79 -7.06 21.96 -18.67
C PRO B 79 -5.86 21.40 -19.39
N ASP B 80 -5.18 22.18 -20.22
CA ASP B 80 -4.04 21.71 -20.99
C ASP B 80 -2.69 22.16 -20.42
N GLY B 81 -2.68 22.74 -19.23
CA GLY B 81 -1.42 23.10 -18.59
C GLY B 81 -0.61 24.16 -19.32
N ALA B 82 -1.27 25.23 -19.76
CA ALA B 82 -0.55 26.34 -20.38
C ALA B 82 0.25 27.15 -19.37
N ALA B 83 -0.13 27.12 -18.09
CA ALA B 83 0.57 27.91 -17.09
C ALA B 83 2.05 27.54 -17.03
N PRO B 84 2.95 28.51 -16.88
CA PRO B 84 4.38 28.18 -16.86
C PRO B 84 4.86 27.58 -15.55
N VAL B 85 4.04 27.61 -14.50
CA VAL B 85 4.40 27.13 -13.17
C VAL B 85 3.29 26.21 -12.68
N LYS B 86 3.64 25.10 -12.05
CA LYS B 86 2.65 24.14 -11.58
C LYS B 86 2.90 23.84 -10.12
N LEU B 87 1.87 23.96 -9.30
CA LEU B 87 1.96 23.53 -7.90
C LEU B 87 1.73 22.02 -7.84
N LEU B 88 2.58 21.30 -7.12
CA LEU B 88 2.46 19.84 -7.02
C LEU B 88 2.03 19.44 -5.61
N ALA B 89 1.77 18.14 -5.43
CA ALA B 89 1.61 17.62 -4.08
C ALA B 89 2.89 17.90 -3.28
N PRO B 90 2.78 18.26 -2.01
CA PRO B 90 3.97 18.61 -1.22
C PRO B 90 4.77 17.42 -0.72
N VAL B 91 4.37 16.17 -1.04
CA VAL B 91 5.15 14.98 -0.73
C VAL B 91 5.97 14.58 -1.95
N ASP B 92 7.14 13.96 -1.73
CA ASP B 92 7.78 13.23 -2.81
C ASP B 92 8.15 11.80 -2.40
N LEU B 93 9.21 11.61 -1.62
CA LEU B 93 9.68 10.25 -1.34
C LEU B 93 8.98 9.58 -0.16
N GLN B 94 8.13 10.32 0.57
CA GLN B 94 7.43 9.77 1.73
C GLN B 94 6.45 8.66 1.35
N CYS B 95 6.36 7.64 2.21
CA CYS B 95 5.24 6.70 2.11
C CYS B 95 3.93 7.38 2.48
N LEU B 96 2.85 6.97 1.82
CA LEU B 96 1.54 7.59 2.01
C LEU B 96 0.70 6.67 2.88
N LYS B 97 0.58 6.99 4.16
CA LYS B 97 -0.14 6.17 5.13
C LYS B 97 -1.44 6.85 5.52
N ALA B 98 -2.41 6.06 5.98
CA ALA B 98 -3.70 6.62 6.37
C ALA B 98 -4.26 5.84 7.55
N ALA B 99 -4.85 6.57 8.49
CA ALA B 99 -5.61 5.98 9.59
C ALA B 99 -7.08 5.95 9.22
N GLY B 100 -7.78 4.94 9.73
CA GLY B 100 -9.21 4.82 9.47
C GLY B 100 -10.04 4.81 10.74
N VAL B 101 -11.36 5.03 10.58
CA VAL B 101 -12.36 5.10 11.66
C VAL B 101 -11.83 5.76 12.93
N THR B 102 -11.27 6.95 12.79
CA THR B 102 -10.88 7.76 13.94
C THR B 102 -11.94 8.79 14.30
N PHE B 103 -13.02 8.88 13.53
CA PHE B 103 -14.14 9.75 13.87
C PHE B 103 -15.40 8.91 13.88
N ALA B 104 -16.25 9.13 14.90
CA ALA B 104 -17.44 8.30 15.08
C ALA B 104 -18.39 8.33 13.87
N VAL B 105 -18.50 9.48 13.19
CA VAL B 105 -19.42 9.57 12.04
C VAL B 105 -18.97 8.62 10.94
N SER B 106 -17.66 8.48 10.75
CA SER B 106 -17.16 7.53 9.78
C SER B 106 -17.38 6.10 10.23
N THR B 107 -17.08 5.80 11.49
CA THR B 107 -17.26 4.43 12.01
C THR B 107 -18.68 3.94 11.76
N LEU B 108 -19.68 4.77 12.08
CA LEU B 108 -21.06 4.36 11.86
C LEU B 108 -21.30 4.10 10.38
N GLU B 109 -20.82 4.97 9.50
CA GLU B 109 -21.09 4.75 8.08
C GLU B 109 -20.34 3.54 7.53
N ARG B 110 -19.20 3.17 8.12
CA ARG B 110 -18.50 1.95 7.71
C ARG B 110 -19.33 0.72 8.08
N VAL B 111 -19.87 0.70 9.30
CA VAL B 111 -20.70 -0.46 9.68
C VAL B 111 -21.92 -0.54 8.78
N ILE B 112 -22.51 0.62 8.45
CA ILE B 112 -23.68 0.62 7.58
C ILE B 112 -23.35 0.04 6.21
N GLU B 113 -22.25 0.49 5.59
CA GLU B 113 -21.93 -0.02 4.26
C GLU B 113 -21.55 -1.48 4.32
N GLU B 114 -20.95 -1.94 5.44
CA GLU B 114 -20.65 -3.35 5.61
C GLU B 114 -21.92 -4.19 5.65
N ARG B 115 -22.90 -3.76 6.45
N ARG B 115 -22.90 -3.76 6.45
CA ARG B 115 -24.15 -4.51 6.53
CA ARG B 115 -24.15 -4.51 6.52
C ARG B 115 -24.93 -4.46 5.22
C ARG B 115 -24.92 -4.47 5.22
N ALA B 116 -24.79 -3.38 4.46
CA ALA B 116 -25.42 -3.26 3.15
C ALA B 116 -24.69 -4.03 2.06
N ARG B 117 -23.54 -4.64 2.37
CA ARG B 117 -22.67 -5.28 1.39
C ARG B 117 -22.41 -4.34 0.22
N GLY B 118 -22.22 -3.07 0.53
CA GLY B 118 -21.87 -2.09 -0.48
C GLY B 118 -23.01 -1.63 -1.35
N ASP B 119 -24.26 -1.94 -1.01
CA ASP B 119 -25.44 -1.56 -1.80
C ASP B 119 -26.04 -0.29 -1.21
N ALA B 120 -25.88 0.83 -1.93
CA ALA B 120 -26.35 2.11 -1.43
C ALA B 120 -27.85 2.12 -1.13
N GLY B 121 -28.61 1.29 -1.85
CA GLY B 121 -30.05 1.25 -1.68
C GLY B 121 -30.49 0.66 -0.36
N GLU B 122 -29.59 0.02 0.38
CA GLU B 122 -29.90 -0.56 1.68
C GLU B 122 -29.48 0.33 2.84
N ALA B 123 -28.79 1.44 2.57
CA ALA B 123 -28.15 2.20 3.65
C ALA B 123 -29.18 2.86 4.55
N LEU B 124 -30.26 3.41 3.96
CA LEU B 124 -31.25 4.14 4.75
C LEU B 124 -31.83 3.27 5.87
N LYS B 125 -32.26 2.07 5.54
CA LYS B 125 -32.89 1.19 6.54
C LYS B 125 -31.89 0.79 7.62
N ILE B 126 -30.66 0.46 7.21
CA ILE B 126 -29.65 0.05 8.16
C ILE B 126 -29.25 1.22 9.05
N ARG B 127 -29.08 2.41 8.46
CA ARG B 127 -28.72 3.57 9.25
C ARG B 127 -29.81 3.87 10.27
N THR B 128 -31.08 3.75 9.87
CA THR B 128 -32.15 4.01 10.82
C THR B 128 -32.08 3.08 12.01
N LEU B 129 -31.75 1.80 11.78
CA LEU B 129 -31.58 0.90 12.92
C LEU B 129 -30.35 1.28 13.76
N LEU B 130 -29.19 1.40 13.11
CA LEU B 130 -27.94 1.43 13.85
C LEU B 130 -27.67 2.78 14.51
N ALA B 131 -28.06 3.90 13.87
CA ALA B 131 -27.83 5.20 14.49
C ALA B 131 -28.51 5.30 15.84
N GLU B 132 -29.73 4.80 15.92
CA GLU B 132 -30.44 4.77 17.20
C GLU B 132 -29.80 3.78 18.16
N ARG B 133 -29.52 2.56 17.71
CA ARG B 133 -29.05 1.55 18.66
C ARG B 133 -27.67 1.90 19.22
N MET B 134 -26.78 2.42 18.37
CA MET B 134 -25.39 2.66 18.73
C MET B 134 -25.07 4.12 19.01
N GLY B 135 -26.04 5.02 18.86
CA GLY B 135 -25.82 6.43 19.11
C GLY B 135 -25.27 6.72 20.48
N GLY B 136 -24.24 7.56 20.54
CA GLY B 136 -23.69 7.97 21.82
C GLY B 136 -22.84 6.94 22.53
N ASP B 137 -22.48 5.81 21.90
CA ASP B 137 -21.71 4.79 22.66
C ASP B 137 -20.25 4.74 22.22
N LEU B 138 -20.00 5.07 20.97
CA LEU B 138 -18.64 4.95 20.41
C LEU B 138 -17.65 5.86 21.17
N LYS B 139 -18.02 7.09 21.43
CA LYS B 139 -17.06 8.03 22.05
C LYS B 139 -17.14 7.97 23.60
N SER B 140 -17.78 6.94 24.12
CA SER B 140 -17.94 6.77 25.59
C SER B 140 -16.70 6.13 26.22
N VAL B 141 -15.76 5.65 25.40
CA VAL B 141 -14.55 5.01 25.90
C VAL B 141 -13.35 5.57 25.15
N GLU B 142 -12.19 5.46 25.79
CA GLU B 142 -10.93 5.71 25.08
C GLU B 142 -10.49 4.46 24.34
N PRO B 143 -10.18 4.56 23.05
CA PRO B 143 -9.74 3.36 22.31
C PRO B 143 -8.57 2.67 23.02
N GLY B 144 -8.63 1.34 23.05
CA GLY B 144 -7.56 0.56 23.62
C GLY B 144 -7.52 0.49 25.13
N SER B 145 -8.51 1.05 25.83
CA SER B 145 -8.54 1.05 27.28
C SER B 145 -9.28 -0.20 27.80
N GLN B 146 -9.19 -0.42 29.11
CA GLN B 146 -10.00 -1.47 29.73
CA GLN B 146 -10.00 -1.48 29.72
C GLN B 146 -11.50 -1.18 29.54
N GLY B 147 -11.89 0.09 29.65
CA GLY B 147 -13.26 0.46 29.39
C GLY B 147 -13.70 0.06 27.98
N ALA B 148 -12.83 0.27 27.00
CA ALA B 148 -13.17 -0.11 25.62
C ALA B 148 -13.36 -1.62 25.50
N GLN B 149 -12.58 -2.41 26.25
CA GLN B 149 -12.78 -3.86 26.27
C GLN B 149 -14.14 -4.23 26.85
N ARG B 150 -14.56 -3.57 27.93
CA ARG B 150 -15.87 -3.85 28.50
C ARG B 150 -17.00 -3.40 27.55
N LEU B 151 -16.80 -2.30 26.84
CA LEU B 151 -17.79 -1.88 25.84
C LEU B 151 -17.86 -2.89 24.70
N LYS B 152 -16.71 -3.41 24.26
CA LYS B 152 -16.71 -4.45 23.23
C LYS B 152 -17.54 -5.64 23.67
N ASP B 153 -17.33 -6.10 24.91
CA ASP B 153 -18.12 -7.21 25.39
C ASP B 153 -19.63 -6.90 25.41
N ALA B 154 -20.00 -5.69 25.83
CA ALA B 154 -21.42 -5.31 25.79
C ALA B 154 -21.97 -5.34 24.36
N LEU B 155 -21.22 -4.78 23.42
CA LEU B 155 -21.69 -4.69 22.04
C LEU B 155 -21.78 -6.07 21.39
N ILE B 156 -20.85 -6.96 21.73
CA ILE B 156 -20.98 -8.35 21.27
C ILE B 156 -22.26 -8.96 21.80
N ALA B 157 -22.54 -8.78 23.10
CA ALA B 157 -23.76 -9.34 23.64
C ALA B 157 -25.01 -8.74 22.97
N ASP B 158 -24.91 -7.48 22.53
CA ASP B 158 -26.00 -6.80 21.84
C ASP B 158 -26.24 -7.30 20.43
N GLY B 159 -25.32 -8.07 19.85
CA GLY B 159 -25.38 -8.35 18.43
C GLY B 159 -24.99 -7.17 17.56
N LEU B 160 -24.21 -6.23 18.09
CA LEU B 160 -23.84 -5.02 17.37
C LEU B 160 -22.37 -4.96 17.01
N TRP B 161 -21.61 -6.01 17.27
CA TRP B 161 -20.17 -5.93 17.04
C TRP B 161 -19.86 -6.00 15.55
N SER B 162 -18.72 -5.41 15.20
CA SER B 162 -18.27 -5.36 13.81
C SER B 162 -16.76 -5.27 13.82
N GLN B 163 -16.14 -5.80 12.77
CA GLN B 163 -14.70 -5.65 12.60
C GLN B 163 -14.29 -4.19 12.53
N TYR B 164 -15.19 -3.29 12.14
CA TYR B 164 -14.85 -1.86 12.17
C TYR B 164 -14.82 -1.33 13.59
N LEU B 165 -15.67 -1.84 14.48
CA LEU B 165 -15.60 -1.40 15.87
C LEU B 165 -14.30 -1.88 16.53
N GLU B 166 -13.79 -3.05 16.10
CA GLU B 166 -12.50 -3.51 16.61
C GLU B 166 -11.41 -2.47 16.38
N VAL B 167 -11.34 -1.89 15.18
CA VAL B 167 -10.33 -0.86 14.93
C VAL B 167 -10.77 0.53 15.39
N ALA B 168 -12.07 0.75 15.62
CA ALA B 168 -12.49 2.03 16.18
C ALA B 168 -12.11 2.16 17.66
N ILE B 169 -12.28 1.10 18.46
CA ILE B 169 -12.09 1.23 19.90
C ILE B 169 -11.08 0.24 20.47
N GLY B 170 -10.55 -0.67 19.67
CA GLY B 170 -9.58 -1.61 20.17
C GLY B 170 -8.18 -1.00 20.24
N PRO B 171 -7.23 -1.82 20.68
CA PRO B 171 -5.87 -1.29 20.89
C PRO B 171 -5.14 -0.92 19.60
N ASP B 172 -5.49 -1.56 18.48
CA ASP B 172 -4.78 -1.35 17.22
C ASP B 172 -5.63 -0.46 16.31
N ALA B 173 -5.11 0.71 15.96
CA ALA B 173 -5.79 1.54 14.98
C ALA B 173 -5.67 0.92 13.59
N GLU B 174 -6.66 1.20 12.75
CA GLU B 174 -6.59 0.86 11.33
C GLU B 174 -5.60 1.82 10.66
N ILE B 175 -4.48 1.30 10.19
CA ILE B 175 -3.51 2.07 9.40
C ILE B 175 -3.20 1.27 8.14
N PHE B 176 -3.26 1.93 6.99
CA PHE B 176 -3.06 1.24 5.72
C PHE B 176 -2.26 2.16 4.78
N THR B 177 -1.86 1.63 3.64
CA THR B 177 -1.16 2.41 2.63
C THR B 177 -2.19 3.03 1.69
N LYS B 178 -2.22 4.36 1.64
CA LYS B 178 -3.22 5.04 0.80
C LYS B 178 -2.88 4.93 -0.67
N GLY B 179 -1.60 5.01 -1.03
CA GLY B 179 -1.18 4.94 -2.41
C GLY B 179 0.34 4.86 -2.49
N PRO B 180 0.85 4.59 -3.69
CA PRO B 180 2.31 4.47 -3.86
C PRO B 180 3.01 5.81 -3.76
N THR B 181 4.29 5.73 -3.42
CA THR B 181 5.12 6.91 -3.33
C THR B 181 5.16 7.62 -4.69
N LEU B 182 5.02 8.94 -4.67
CA LEU B 182 5.02 9.90 -5.81
C LEU B 182 3.71 9.89 -6.62
N SER B 183 2.67 9.18 -6.17
CA SER B 183 1.42 9.11 -6.90
C SER B 183 0.39 10.16 -6.46
N SER B 184 0.65 10.95 -5.43
CA SER B 184 -0.38 11.83 -4.90
C SER B 184 -0.68 12.99 -5.84
N MET B 185 -1.95 13.39 -5.88
CA MET B 185 -2.33 14.68 -6.46
C MET B 185 -2.17 15.79 -5.43
N GLY B 186 -2.18 17.02 -5.92
CA GLY B 186 -2.13 18.19 -5.06
C GLY B 186 -3.29 19.13 -5.29
N TRP B 187 -3.18 20.33 -4.75
CA TRP B 187 -4.15 21.37 -5.05
C TRP B 187 -4.30 21.57 -6.55
N GLY B 188 -5.55 21.77 -6.99
CA GLY B 188 -5.81 22.12 -8.37
C GLY B 188 -5.76 20.98 -9.36
N ASP B 189 -5.59 19.74 -8.90
CA ASP B 189 -5.51 18.58 -9.76
C ASP B 189 -6.88 17.92 -9.88
N GLN B 190 -7.06 17.13 -10.94
CA GLN B 190 -8.17 16.19 -10.95
C GLN B 190 -7.89 15.01 -10.03
N VAL B 191 -8.91 14.57 -9.29
CA VAL B 191 -8.87 13.30 -8.58
C VAL B 191 -9.82 12.32 -9.26
N GLY B 192 -9.60 11.04 -9.01
CA GLY B 192 -10.29 10.00 -9.76
C GLY B 192 -11.09 9.07 -8.87
N VAL B 193 -12.36 8.87 -9.22
CA VAL B 193 -13.18 7.77 -8.68
C VAL B 193 -13.25 6.69 -9.75
N ARG B 194 -13.16 5.43 -9.35
CA ARG B 194 -13.24 4.37 -10.36
C ARG B 194 -14.54 4.47 -11.15
N TYR B 195 -14.45 4.25 -12.47
CA TYR B 195 -15.66 4.36 -13.27
C TYR B 195 -16.65 3.24 -12.95
N ASP B 196 -16.21 2.15 -12.34
CA ASP B 196 -17.12 1.09 -11.95
C ASP B 196 -17.56 1.20 -10.48
N SER B 197 -17.38 2.35 -9.87
CA SER B 197 -17.91 2.62 -8.54
C SER B 197 -19.15 3.50 -8.64
N HIS B 198 -20.22 3.11 -7.95
CA HIS B 198 -21.45 3.89 -7.98
C HIS B 198 -21.88 4.36 -6.60
N TRP B 199 -20.99 4.30 -5.61
CA TRP B 199 -21.29 4.79 -4.26
C TRP B 199 -19.95 5.24 -3.69
N ASN B 200 -19.67 6.54 -3.74
CA ASN B 200 -18.34 7.03 -3.43
C ASN B 200 -18.43 8.45 -2.90
N ASN B 201 -17.34 8.96 -2.36
CA ASN B 201 -17.41 10.22 -1.61
C ASN B 201 -16.00 10.76 -1.41
N PRO B 202 -15.89 12.06 -1.17
CA PRO B 202 -14.62 12.60 -0.69
C PRO B 202 -14.48 12.30 0.79
N GLU B 203 -13.24 12.32 1.26
CA GLU B 203 -12.94 12.15 2.68
C GLU B 203 -11.94 13.22 3.08
N PRO B 204 -12.43 14.37 3.56
CA PRO B 204 -11.54 15.43 4.00
C PRO B 204 -10.80 15.01 5.26
N GLU B 205 -9.51 15.30 5.26
CA GLU B 205 -8.70 14.96 6.43
C GLU B 205 -7.53 15.91 6.62
N VAL B 206 -6.99 15.90 7.81
CA VAL B 206 -5.70 16.56 8.05
C VAL B 206 -4.63 15.50 7.87
N VAL B 207 -3.52 15.89 7.22
CA VAL B 207 -2.43 14.98 6.86
C VAL B 207 -1.19 15.48 7.56
N LEU B 208 -0.58 14.62 8.38
CA LEU B 208 0.68 14.97 9.03
C LEU B 208 1.84 14.67 8.10
N LEU B 209 2.89 15.47 8.21
CA LEU B 209 4.17 15.15 7.60
C LEU B 209 5.08 14.64 8.71
N CYS B 210 5.64 13.43 8.56
CA CYS B 210 6.60 12.90 9.50
C CYS B 210 7.93 12.64 8.80
N ASP B 211 9.03 12.83 9.52
CA ASP B 211 10.35 12.63 8.92
C ASP B 211 10.82 11.19 9.13
N GLY B 212 12.06 10.91 8.69
CA GLY B 212 12.60 9.57 8.77
C GLY B 212 12.92 9.10 10.18
N SER B 213 12.79 9.97 11.17
CA SER B 213 12.90 9.60 12.58
C SER B 213 11.54 9.46 13.24
N GLY B 214 10.47 9.52 12.46
CA GLY B 214 9.11 9.43 12.99
C GLY B 214 8.58 10.71 13.62
N LEU B 215 9.32 11.81 13.55
CA LEU B 215 8.88 13.04 14.20
C LEU B 215 7.88 13.81 13.34
N ILE B 216 6.85 14.36 13.97
CA ILE B 216 5.83 15.12 13.27
C ILE B 216 6.35 16.53 13.00
N ARG B 217 6.30 16.95 11.74
CA ARG B 217 6.96 18.17 11.30
C ARG B 217 5.98 19.26 10.88
N GLY B 218 4.76 18.90 10.53
CA GLY B 218 3.82 19.87 9.99
C GLY B 218 2.57 19.15 9.52
N ALA B 219 1.70 19.88 8.81
CA ALA B 219 0.41 19.35 8.44
C ALA B 219 -0.10 20.01 7.16
N ALA B 220 -0.90 19.24 6.41
CA ALA B 220 -1.56 19.70 5.19
C ALA B 220 -3.00 19.20 5.24
N LEU B 221 -3.80 19.59 4.24
CA LEU B 221 -5.13 19.01 4.08
C LEU B 221 -5.05 17.84 3.11
N GLY B 222 -6.08 16.99 3.16
CA GLY B 222 -6.11 15.83 2.31
C GLY B 222 -7.53 15.48 1.89
N ASN B 223 -7.61 14.81 0.75
CA ASN B 223 -8.85 14.17 0.32
C ASN B 223 -8.53 12.72 0.00
N ASP B 224 -9.04 11.80 0.84
CA ASP B 224 -8.92 10.35 0.68
C ASP B 224 -10.13 9.90 -0.12
N VAL B 225 -10.04 9.98 -1.44
CA VAL B 225 -11.18 9.62 -2.29
C VAL B 225 -11.55 8.16 -2.05
N ASN B 226 -12.83 7.93 -1.76
CA ASN B 226 -13.27 6.62 -1.22
C ASN B 226 -14.44 5.97 -1.97
N LEU B 227 -14.36 4.65 -2.13
CA LEU B 227 -15.42 3.89 -2.84
C LEU B 227 -16.17 3.01 -1.84
N ARG B 228 -17.34 3.48 -1.43
CA ARG B 228 -18.12 2.73 -0.45
C ARG B 228 -18.64 1.42 -1.00
N ASP B 229 -18.95 1.33 -2.30
CA ASP B 229 -19.49 0.06 -2.77
C ASP B 229 -18.42 -1.03 -2.74
N PHE B 230 -17.16 -0.67 -3.02
CA PHE B 230 -16.09 -1.65 -2.96
C PHE B 230 -15.81 -2.08 -1.52
N GLU B 231 -15.57 -1.13 -0.62
CA GLU B 231 -15.25 -1.48 0.74
C GLU B 231 -16.42 -2.18 1.44
N GLY B 232 -17.63 -1.75 1.11
CA GLY B 232 -18.81 -2.38 1.70
C GLY B 232 -18.99 -3.81 1.25
N ARG B 233 -18.65 -4.12 0.00
CA ARG B 233 -18.74 -5.50 -0.45
C ARG B 233 -17.79 -6.39 0.33
N SER B 234 -16.60 -5.90 0.65
CA SER B 234 -15.63 -6.66 1.44
C SER B 234 -14.54 -5.74 1.95
N ALA B 235 -14.27 -5.79 3.27
CA ALA B 235 -13.15 -5.01 3.78
C ALA B 235 -11.82 -5.45 3.20
N LEU B 236 -11.74 -6.67 2.64
CA LEU B 236 -10.53 -7.08 1.95
C LEU B 236 -10.34 -6.31 0.64
N LEU B 237 -11.36 -5.59 0.17
CA LEU B 237 -11.19 -4.69 -0.96
C LEU B 237 -10.82 -3.27 -0.51
N LEU B 238 -10.41 -3.09 0.74
CA LEU B 238 -10.00 -1.77 1.22
C LEU B 238 -9.03 -1.11 0.26
N SER B 239 -7.97 -1.82 -0.13
CA SER B 239 -6.99 -1.21 -1.02
C SER B 239 -7.62 -0.77 -2.34
N LYS B 240 -8.49 -1.61 -2.93
CA LYS B 240 -9.13 -1.21 -4.18
C LYS B 240 -10.12 -0.07 -3.97
N ALA B 241 -10.65 0.07 -2.75
CA ALA B 241 -11.56 1.16 -2.46
C ALA B 241 -10.82 2.48 -2.28
N LYS B 242 -9.50 2.43 -2.05
CA LYS B 242 -8.74 3.59 -1.64
C LYS B 242 -7.63 3.99 -2.61
N ASP B 243 -7.07 3.03 -3.33
CA ASP B 243 -5.81 3.20 -4.06
C ASP B 243 -6.06 2.94 -5.56
N ASN B 244 -6.30 4.02 -6.29
CA ASN B 244 -6.51 3.97 -7.73
C ASN B 244 -5.86 5.21 -8.31
N ASN B 245 -5.86 5.32 -9.62
CA ASN B 245 -5.20 6.47 -10.25
C ASN B 245 -5.82 7.78 -9.77
N ALA B 246 -4.96 8.67 -9.30
CA ALA B 246 -5.34 10.01 -8.84
C ALA B 246 -6.38 9.96 -7.70
N SER B 247 -6.36 8.93 -6.87
CA SER B 247 -7.35 8.84 -5.79
C SER B 247 -6.90 9.49 -4.48
N CYS B 248 -5.73 10.12 -4.46
CA CYS B 248 -5.18 10.72 -3.24
C CYS B 248 -4.84 12.17 -3.54
N ALA B 249 -5.32 13.10 -2.72
CA ALA B 249 -4.89 14.50 -2.84
C ALA B 249 -4.39 15.03 -1.49
N ILE B 250 -3.28 15.76 -1.53
CA ILE B 250 -2.65 16.33 -0.33
C ILE B 250 -2.21 17.73 -0.71
N GLY B 251 -2.53 18.70 0.14
CA GLY B 251 -2.05 20.05 -0.16
C GLY B 251 -2.79 21.13 0.59
N PRO B 252 -2.68 22.42 0.15
CA PRO B 252 -1.78 22.85 -0.92
C PRO B 252 -0.30 22.72 -0.61
N PHE B 253 0.03 22.96 0.64
CA PHE B 253 1.40 22.81 1.13
C PHE B 253 1.35 22.24 2.54
N PHE B 254 2.47 21.73 3.01
CA PHE B 254 2.52 21.38 4.43
C PHE B 254 2.88 22.66 5.18
N ARG B 255 2.15 22.97 6.22
CA ARG B 255 2.57 24.08 7.08
C ARG B 255 3.45 23.51 8.18
N LEU B 256 4.69 23.99 8.27
CA LEU B 256 5.60 23.48 9.27
C LEU B 256 5.32 24.11 10.63
N PHE B 257 5.58 23.33 11.69
CA PHE B 257 5.39 23.82 13.04
C PHE B 257 6.41 24.88 13.38
N ASP B 258 5.94 25.99 13.95
CA ASP B 258 6.84 27.04 14.43
C ASP B 258 6.10 27.82 15.52
N GLU B 259 6.46 29.10 15.70
CA GLU B 259 5.78 29.91 16.70
C GLU B 259 4.35 30.25 16.30
N THR B 260 4.02 30.20 15.00
CA THR B 260 2.68 30.54 14.54
C THR B 260 1.77 29.33 14.44
N PHE B 261 2.29 28.12 14.65
CA PHE B 261 1.53 26.93 14.31
C PHE B 261 2.15 25.70 14.96
N GLY B 262 1.33 24.91 15.64
CA GLY B 262 1.83 23.75 16.34
C GLY B 262 0.82 22.63 16.28
N LEU B 263 1.19 21.49 16.85
CA LEU B 263 0.28 20.34 16.84
C LEU B 263 -1.00 20.67 17.59
N ASP B 264 -0.96 21.58 18.56
CA ASP B 264 -2.21 21.94 19.25
C ASP B 264 -3.20 22.61 18.32
N ASP B 265 -2.71 23.35 17.31
CA ASP B 265 -3.60 23.90 16.30
C ASP B 265 -4.20 22.81 15.44
N VAL B 266 -3.42 21.79 15.11
CA VAL B 266 -3.96 20.63 14.40
C VAL B 266 -5.08 19.98 15.22
N ARG B 267 -4.87 19.89 16.54
CA ARG B 267 -5.82 19.17 17.38
C ARG B 267 -7.17 19.88 17.50
N SER B 268 -7.22 21.19 17.25
CA SER B 268 -8.45 21.98 17.39
C SER B 268 -8.96 22.53 16.07
N ALA B 269 -8.43 22.04 14.94
CA ALA B 269 -8.77 22.61 13.65
C ALA B 269 -10.22 22.33 13.26
N GLU B 270 -10.93 23.38 12.87
CA GLU B 270 -12.26 23.25 12.27
C GLU B 270 -12.08 23.08 10.77
N VAL B 271 -12.57 21.96 10.24
CA VAL B 271 -12.39 21.60 8.84
C VAL B 271 -13.74 21.74 8.16
N GLU B 272 -13.73 22.37 6.98
CA GLU B 272 -14.93 22.58 6.19
C GLU B 272 -14.84 21.79 4.89
N LEU B 273 -15.95 21.17 4.52
CA LEU B 273 -16.11 20.45 3.26
C LEU B 273 -17.18 21.15 2.43
N LYS B 274 -16.85 21.48 1.19
CA LYS B 274 -17.85 21.94 0.24
C LYS B 274 -17.75 21.11 -1.04
N ILE B 275 -18.89 20.60 -1.50
CA ILE B 275 -18.98 19.85 -2.76
C ILE B 275 -19.95 20.60 -3.66
N THR B 276 -19.53 20.86 -4.89
CA THR B 276 -20.40 21.47 -5.90
C THR B 276 -20.34 20.64 -7.16
N GLY B 277 -21.45 20.55 -7.88
CA GLY B 277 -21.51 19.74 -9.07
C GLY B 277 -22.10 20.49 -10.24
N ARG B 278 -21.90 19.92 -11.43
CA ARG B 278 -22.51 20.46 -12.63
C ARG B 278 -24.03 20.42 -12.55
N ASP B 279 -24.56 19.49 -11.76
CA ASP B 279 -26.00 19.42 -11.54
C ASP B 279 -26.48 20.39 -10.47
N ASN B 280 -25.60 21.30 -10.02
CA ASN B 280 -25.90 22.32 -9.00
C ASN B 280 -26.19 21.73 -7.63
N PHE B 281 -25.86 20.47 -7.41
CA PHE B 281 -25.82 19.95 -6.04
C PHE B 281 -24.82 20.74 -5.23
N VAL B 282 -25.19 21.12 -4.01
CA VAL B 282 -24.26 21.77 -3.10
C VAL B 282 -24.33 21.09 -1.74
N LEU B 283 -23.18 20.66 -1.22
CA LEU B 283 -23.07 20.23 0.15
C LEU B 283 -22.05 21.11 0.86
N ASP B 284 -22.36 21.56 2.06
CA ASP B 284 -21.41 22.36 2.84
C ASP B 284 -21.54 21.92 4.29
N GLY B 285 -20.42 21.55 4.91
CA GLY B 285 -20.47 21.09 6.28
C GLY B 285 -19.16 21.35 6.97
N LYS B 286 -19.17 21.28 8.30
CA LYS B 286 -17.98 21.54 9.11
C LYS B 286 -17.88 20.51 10.22
N SER B 287 -16.65 20.25 10.67
CA SER B 287 -16.46 19.43 11.86
C SER B 287 -15.09 19.76 12.45
N ASN B 288 -14.84 19.31 13.67
CA ASN B 288 -13.63 19.74 14.38
C ASN B 288 -12.73 18.54 14.68
N MET B 289 -11.40 18.75 14.56
CA MET B 289 -10.42 17.71 14.89
C MET B 289 -10.50 17.23 16.34
N SER B 290 -11.05 18.03 17.24
CA SER B 290 -11.14 17.62 18.64
C SER B 290 -12.02 16.38 18.81
N LEU B 291 -12.83 16.03 17.81
CA LEU B 291 -13.66 14.84 17.85
C LEU B 291 -12.90 13.57 17.52
N ILE B 292 -11.60 13.65 17.21
CA ILE B 292 -10.85 12.47 16.82
C ILE B 292 -10.72 11.55 18.04
N SER B 293 -10.76 10.24 17.79
CA SER B 293 -10.82 9.29 18.89
C SER B 293 -9.44 8.96 19.45
N ARG B 294 -8.39 9.15 18.66
CA ARG B 294 -7.01 8.89 19.08
C ARG B 294 -6.18 10.10 18.72
N ASP B 295 -5.33 10.54 19.65
CA ASP B 295 -4.56 11.76 19.40
C ASP B 295 -3.66 11.57 18.18
N PRO B 296 -3.46 12.63 17.38
CA PRO B 296 -2.56 12.50 16.21
C PRO B 296 -1.17 11.95 16.53
N ALA B 297 -0.59 12.31 17.67
CA ALA B 297 0.73 11.77 18.02
C ALA B 297 0.67 10.28 18.34
N VAL B 298 -0.45 9.83 18.91
CA VAL B 298 -0.64 8.40 19.16
C VAL B 298 -0.77 7.63 17.85
N LEU B 299 -1.51 8.17 16.88
CA LEU B 299 -1.60 7.52 15.56
C LEU B 299 -0.23 7.46 14.89
N ALA B 300 0.52 8.55 14.95
CA ALA B 300 1.86 8.53 14.35
C ALA B 300 2.74 7.51 15.05
N GLY B 301 2.59 7.37 16.37
CA GLY B 301 3.38 6.39 17.11
C GLY B 301 2.94 4.96 16.89
N GLN B 302 1.72 4.75 16.41
CA GLN B 302 1.37 3.40 15.97
C GLN B 302 1.90 3.10 14.58
N ALA B 303 2.03 4.12 13.74
CA ALA B 303 2.52 3.88 12.39
C ALA B 303 4.03 3.61 12.35
N TYR B 304 4.78 4.24 13.24
CA TYR B 304 6.24 4.24 13.22
C TYR B 304 6.76 3.76 14.56
N GLY B 305 7.79 2.91 14.54
CA GLY B 305 8.38 2.49 15.81
C GLY B 305 9.31 1.31 15.61
N LYS B 306 9.42 0.50 16.67
CA LYS B 306 10.35 -0.62 16.62
C LYS B 306 9.98 -1.63 15.54
N GLN B 307 8.70 -1.70 15.16
CA GLN B 307 8.30 -2.72 14.21
C GLN B 307 7.99 -2.19 12.83
N HIS B 308 8.09 -0.89 12.59
CA HIS B 308 8.04 -0.37 11.22
C HIS B 308 8.80 0.94 11.18
N GLN B 309 9.78 1.04 10.29
CA GLN B 309 10.50 2.27 10.06
C GLN B 309 10.09 2.88 8.71
N TYR B 310 10.54 4.11 8.47
CA TYR B 310 10.22 4.84 7.24
C TYR B 310 11.37 5.79 6.96
N PRO B 311 12.45 5.29 6.34
CA PRO B 311 13.68 6.09 6.25
C PRO B 311 13.54 7.39 5.47
N ASP B 312 12.61 7.47 4.51
CA ASP B 312 12.32 8.70 3.79
C ASP B 312 11.17 9.50 4.40
N GLY B 313 10.66 9.06 5.55
CA GLY B 313 9.53 9.73 6.18
C GLY B 313 8.21 9.18 5.67
N PHE B 314 7.12 9.75 6.21
CA PHE B 314 5.80 9.33 5.73
C PHE B 314 4.81 10.45 5.96
N ALA B 315 3.76 10.46 5.14
CA ALA B 315 2.62 11.32 5.40
C ALA B 315 1.55 10.45 6.03
N LEU B 316 0.77 11.02 6.95
CA LEU B 316 -0.25 10.25 7.66
C LEU B 316 -1.58 10.98 7.59
N PHE B 317 -2.50 10.45 6.79
CA PHE B 317 -3.91 10.87 6.88
C PHE B 317 -4.48 10.50 8.25
N LEU B 318 -5.13 11.45 8.93
CA LEU B 318 -5.57 11.19 10.31
C LEU B 318 -6.97 10.58 10.40
N GLY B 319 -7.64 10.38 9.29
CA GLY B 319 -8.97 9.82 9.28
C GLY B 319 -9.99 10.88 8.89
N THR B 320 -11.03 10.46 8.17
CA THR B 320 -12.02 11.42 7.69
C THR B 320 -12.99 11.85 8.78
N MET B 321 -13.31 13.15 8.78
CA MET B 321 -14.21 13.79 9.71
C MET B 321 -15.62 13.91 9.15
N PHE B 322 -15.85 13.46 7.91
CA PHE B 322 -17.13 13.57 7.23
C PHE B 322 -17.51 12.23 6.63
N ALA B 323 -18.81 11.98 6.53
CA ALA B 323 -19.32 10.84 5.79
C ALA B 323 -20.61 11.27 5.11
N PRO B 324 -20.50 11.83 3.89
CA PRO B 324 -21.66 12.49 3.26
C PRO B 324 -22.81 11.53 2.98
N ILE B 325 -23.99 11.90 3.45
CA ILE B 325 -25.21 11.15 3.19
C ILE B 325 -26.33 12.01 2.62
N GLN B 326 -26.06 13.29 2.34
CA GLN B 326 -27.07 14.18 1.76
C GLN B 326 -27.56 13.61 0.44
N ASP B 327 -28.88 13.54 0.28
CA ASP B 327 -29.47 12.98 -0.93
C ASP B 327 -29.16 13.86 -2.13
N ARG B 328 -28.65 13.25 -3.19
CA ARG B 328 -28.34 13.98 -4.41
C ARG B 328 -29.40 13.78 -5.48
N ASP B 329 -29.62 12.55 -5.95
CA ASP B 329 -30.57 12.28 -7.01
C ASP B 329 -31.90 11.73 -6.51
N THR B 330 -31.87 10.83 -5.53
CA THR B 330 -33.02 10.05 -5.12
C THR B 330 -33.19 10.16 -3.60
N PRO B 331 -34.39 10.48 -3.11
CA PRO B 331 -34.60 10.54 -1.66
C PRO B 331 -34.20 9.22 -1.00
N GLY B 332 -33.45 9.32 0.09
CA GLY B 332 -33.01 8.16 0.82
C GLY B 332 -31.80 7.45 0.26
N GLN B 333 -31.36 7.79 -0.94
CA GLN B 333 -30.25 7.10 -1.58
C GLN B 333 -28.89 7.73 -1.29
N GLY B 334 -28.85 8.92 -0.70
CA GLY B 334 -27.57 9.47 -0.26
C GLY B 334 -26.78 10.10 -1.40
N PHE B 335 -25.46 10.12 -1.22
CA PHE B 335 -24.54 10.86 -2.08
C PHE B 335 -23.68 9.92 -2.91
N THR B 336 -23.32 10.36 -4.11
CA THR B 336 -22.20 9.79 -4.84
C THR B 336 -21.66 10.85 -5.81
N HIS B 337 -20.42 10.68 -6.25
CA HIS B 337 -19.79 11.68 -7.11
C HIS B 337 -20.31 11.60 -8.54
N LYS B 338 -20.26 12.74 -9.22
CA LYS B 338 -20.40 12.83 -10.66
C LYS B 338 -19.17 13.52 -11.23
N VAL B 339 -18.88 13.22 -12.50
CA VAL B 339 -17.76 13.87 -13.18
C VAL B 339 -17.98 15.37 -13.19
N GLY B 340 -16.93 16.12 -12.88
CA GLY B 340 -17.01 17.55 -12.80
C GLY B 340 -17.24 18.10 -11.40
N ASP B 341 -17.51 17.25 -10.41
CA ASP B 341 -17.66 17.75 -9.05
C ASP B 341 -16.41 18.49 -8.62
N ARG B 342 -16.58 19.56 -7.86
CA ARG B 342 -15.49 20.28 -7.24
C ARG B 342 -15.59 20.06 -5.74
N VAL B 343 -14.47 19.67 -5.13
CA VAL B 343 -14.42 19.36 -3.70
C VAL B 343 -13.41 20.30 -3.06
N ARG B 344 -13.86 21.06 -2.08
CA ARG B 344 -13.04 22.03 -1.34
C ARG B 344 -12.94 21.58 0.10
N VAL B 345 -11.73 21.31 0.56
CA VAL B 345 -11.43 21.01 1.96
C VAL B 345 -10.65 22.19 2.51
N SER B 346 -11.10 22.75 3.64
CA SER B 346 -10.43 23.97 4.10
C SER B 346 -10.34 24.04 5.63
N THR B 347 -9.30 24.72 6.10
CA THR B 347 -9.23 25.11 7.51
C THR B 347 -8.34 26.35 7.59
N PRO B 348 -8.64 27.29 8.50
CA PRO B 348 -7.98 28.61 8.44
C PRO B 348 -6.45 28.57 8.50
N LYS B 349 -5.86 27.67 9.29
CA LYS B 349 -4.40 27.66 9.40
C LYS B 349 -3.71 26.94 8.23
N LEU B 350 -4.44 26.20 7.40
CA LEU B 350 -3.80 25.43 6.34
C LEU B 350 -4.23 25.85 4.93
N GLY B 351 -5.32 26.58 4.79
CA GLY B 351 -5.77 27.00 3.47
C GLY B 351 -6.88 26.13 2.92
N VAL B 352 -6.84 25.89 1.61
CA VAL B 352 -7.86 25.18 0.88
C VAL B 352 -7.20 24.17 -0.04
N LEU B 353 -7.61 22.92 0.07
CA LEU B 353 -7.31 21.90 -0.93
C LEU B 353 -8.55 21.78 -1.81
N GLU B 354 -8.41 22.09 -3.09
CA GLU B 354 -9.55 21.96 -3.99
C GLU B 354 -9.17 21.10 -5.18
N ASN B 355 -10.06 20.17 -5.52
CA ASN B 355 -9.85 19.28 -6.65
C ASN B 355 -11.13 19.16 -7.46
N GLU B 356 -10.95 18.72 -8.71
CA GLU B 356 -12.09 18.43 -9.60
C GLU B 356 -12.14 16.91 -9.78
N VAL B 357 -13.32 16.33 -9.70
CA VAL B 357 -13.48 14.88 -9.76
C VAL B 357 -13.71 14.42 -11.21
N THR B 358 -13.00 13.37 -11.62
CA THR B 358 -13.34 12.67 -12.85
C THR B 358 -13.21 11.18 -12.53
N THR B 359 -13.32 10.33 -13.54
CA THR B 359 -13.09 8.92 -13.28
C THR B 359 -11.61 8.58 -13.50
N CYS B 360 -11.16 7.51 -12.84
CA CYS B 360 -9.74 7.16 -12.85
C CYS B 360 -9.19 6.98 -14.26
N ASP B 361 -10.02 6.47 -15.18
CA ASP B 361 -9.59 6.20 -16.54
C ASP B 361 -9.48 7.48 -17.37
N LYS B 362 -10.19 8.54 -16.97
CA LYS B 362 -10.15 9.81 -17.68
C LYS B 362 -9.10 10.76 -17.11
N ALA B 363 -8.71 10.60 -15.86
CA ALA B 363 -7.60 11.35 -15.30
C ALA B 363 -6.30 10.95 -16.01
N LYS B 364 -5.36 11.89 -16.08
CA LYS B 364 -4.07 11.57 -16.67
C LYS B 364 -3.44 10.40 -15.92
N PRO B 365 -2.78 9.48 -16.62
CA PRO B 365 -2.17 8.33 -15.93
C PRO B 365 -0.99 8.78 -15.09
N TRP B 366 -0.67 7.96 -14.08
CA TRP B 366 0.53 8.19 -13.28
C TRP B 366 1.74 7.75 -14.10
N THR B 367 2.55 8.72 -14.52
CA THR B 367 3.72 8.43 -15.35
C THR B 367 5.04 8.83 -14.70
N PHE B 368 5.02 9.76 -13.76
CA PHE B 368 6.24 10.31 -13.16
C PHE B 368 6.46 9.62 -11.83
N GLY B 369 7.23 8.53 -11.85
CA GLY B 369 7.54 7.75 -10.66
C GLY B 369 8.94 8.03 -10.16
N ILE B 370 9.47 7.07 -9.40
CA ILE B 370 10.75 7.28 -8.72
C ILE B 370 11.88 7.45 -9.74
N SER B 371 11.92 6.59 -10.75
CA SER B 371 12.99 6.69 -11.74
C SER B 371 12.92 8.01 -12.49
N ALA B 372 11.72 8.49 -12.80
CA ALA B 372 11.60 9.79 -13.47
C ALA B 372 12.14 10.91 -12.60
N LEU B 373 11.80 10.88 -11.31
CA LEU B 373 12.33 11.89 -10.41
C LEU B 373 13.84 11.83 -10.36
N ILE B 374 14.41 10.62 -10.22
CA ILE B 374 15.86 10.47 -10.13
C ILE B 374 16.53 11.03 -11.37
N ARG B 375 16.04 10.65 -12.55
CA ARG B 375 16.60 11.15 -13.80
C ARG B 375 16.51 12.67 -13.89
N ASN B 376 15.37 13.24 -13.48
CA ASN B 376 15.19 14.68 -13.54
C ASN B 376 16.18 15.40 -12.63
N LEU B 377 16.30 14.95 -11.38
CA LEU B 377 17.23 15.59 -10.45
C LEU B 377 18.66 15.42 -10.89
N ALA B 378 19.04 14.22 -11.35
CA ALA B 378 20.41 14.00 -11.81
C ALA B 378 20.75 14.93 -12.96
N GLY B 379 19.82 15.10 -13.91
CA GLY B 379 20.05 15.98 -15.05
C GLY B 379 20.16 17.45 -14.69
N ARG B 380 19.60 17.85 -13.56
CA ARG B 380 19.69 19.23 -13.09
C ARG B 380 20.90 19.48 -12.19
N GLY B 381 21.73 18.46 -11.97
CA GLY B 381 22.91 18.63 -11.14
C GLY B 381 22.62 18.72 -9.66
N LEU B 382 21.46 18.26 -9.22
CA LEU B 382 21.00 18.44 -7.85
C LEU B 382 21.42 17.29 -6.94
N LEU B 383 22.06 16.26 -7.46
CA LEU B 383 22.44 15.10 -6.66
C LEU B 383 23.95 15.10 -6.37
P 2HP C . 11.13 -11.11 -20.76
O1 2HP C . 11.18 -11.67 -22.16
O2 2HP C . 11.64 -9.69 -20.76
O3 2HP C . 9.70 -11.12 -20.25
O4 2HP C . 12.00 -11.95 -19.84
N NH4 D . 13.97 -9.31 -20.67
P 2HP E . -10.93 -5.11 -13.19
O1 2HP E . -12.09 -4.12 -13.18
O2 2HP E . -10.24 -5.08 -11.83
O3 2HP E . -11.47 -6.51 -13.45
O4 2HP E . -9.94 -4.71 -14.27
N NH4 F . -12.50 6.36 8.24
P 2HP G . -12.03 2.94 6.47
O1 2HP G . -12.51 4.18 7.20
O2 2HP G . -12.19 1.73 7.38
O3 2HP G . -12.86 2.75 5.21
O4 2HP G . -10.57 3.11 6.10
P 2HP H . -10.01 6.90 6.13
O1 2HP H . -9.27 8.02 5.41
O2 2HP H . -10.93 7.53 7.16
O3 2HP H . -10.80 6.07 5.18
O4 2HP H . -9.00 6.01 6.79
N NH4 I . -8.96 -3.31 -11.44
#